data_5BYL
#
_entry.id   5BYL
#
_cell.length_a   90.290
_cell.length_b   99.900
_cell.length_c   93.620
_cell.angle_alpha   90.00
_cell.angle_beta   105.09
_cell.angle_gamma   90.00
#
_symmetry.space_group_name_H-M   'P 1 21 1'
#
loop_
_entity.id
_entity.type
_entity.pdbx_description
1 polymer 'Bifunctional AAC/APH'
2 non-polymer 'PHOSPHOMETHYLPHOSPHONIC ACID GUANYLATE ESTER'
3 non-polymer 'MAGNESIUM ION'
4 non-polymer 'CHLORIDE ION'
5 non-polymer GLYCEROL
6 water water
#
_entity_poly.entity_id   1
_entity_poly.type   'polypeptide(L)'
_entity_poly.pdbx_seq_one_letter_code
;MEYRYDDNATNVKAMKYLIEHYFDNFKVDSIEIIGSGYDSVAYLVNNEYIFKTKFSTNKKKGYAKEKAIYNFLNTNLETN
VKIPNIEYSYISDELSILGYKEIKGTFLTPEIYSTMSEEEQNLLKRDIASFLRQMHGLDYTDISECTIDNKQNVLEEYIL
LRETIYNDLTDIEKDYIESFMERLNATTVFEGKKCLCHNDFSCNHLLLDGNNRLTGIIDFGDSGIIDEYCDFIYLLEDSE
EEIGTNFGEDILRMYGNIDIEKAKEYQDIVEEYYPIETIVYGIKNIKQEFIENGRKEIYKRTYKD
;
_entity_poly.pdbx_strand_id   A,B,C,D
#
# COMPACT_ATOMS: atom_id res chain seq x y z
N ALA A 9 10.42 11.15 24.10
CA ALA A 9 10.34 11.47 22.63
C ALA A 9 9.80 10.24 21.93
N THR A 10 8.71 9.70 22.46
CA THR A 10 8.23 8.39 22.00
C THR A 10 7.68 8.43 20.57
N ASN A 11 6.92 9.49 20.24
CA ASN A 11 6.21 9.56 18.96
C ASN A 11 7.17 9.70 17.86
N VAL A 12 8.16 10.53 18.13
CA VAL A 12 9.22 10.76 17.21
C VAL A 12 10.00 9.46 16.90
N LYS A 13 10.28 8.66 17.93
CA LYS A 13 11.03 7.40 17.74
C LYS A 13 10.27 6.44 16.87
N ALA A 14 8.99 6.33 17.17
CA ALA A 14 8.11 5.44 16.39
C ALA A 14 8.07 5.84 14.94
N MET A 15 7.95 7.15 14.69
CA MET A 15 7.76 7.63 13.35
C MET A 15 9.09 7.60 12.62
N LYS A 16 10.18 7.85 13.33
CA LYS A 16 11.50 7.61 12.73
C LYS A 16 11.62 6.17 12.24
N TYR A 17 11.22 5.24 13.11
CA TYR A 17 11.28 3.84 12.76
C TYR A 17 10.46 3.54 11.50
N LEU A 18 9.25 4.06 11.47
CA LEU A 18 8.35 3.77 10.36
C LEU A 18 8.84 4.39 9.04
N ILE A 19 9.37 5.60 9.11
CA ILE A 19 9.94 6.25 7.93
C ILE A 19 11.10 5.43 7.34
N GLU A 20 12.01 5.00 8.22
CA GLU A 20 13.15 4.21 7.78
C GLU A 20 12.75 2.83 7.30
N HIS A 21 11.65 2.33 7.83
CA HIS A 21 11.22 1.00 7.48
C HIS A 21 10.54 0.99 6.11
N TYR A 22 9.67 1.96 5.86
CA TYR A 22 8.91 1.97 4.62
C TYR A 22 9.64 2.62 3.45
N PHE A 23 10.63 3.47 3.77
CA PHE A 23 11.42 4.18 2.76
C PHE A 23 12.89 3.75 2.87
N ASP A 24 13.22 2.72 2.10
CA ASP A 24 14.58 2.11 2.05
C ASP A 24 15.70 3.12 1.83
N ASN A 25 16.72 3.03 2.66
CA ASN A 25 17.85 3.96 2.55
C ASN A 25 17.42 5.40 2.66
N PHE A 26 16.29 5.70 3.28
CA PHE A 26 16.10 7.02 3.82
C PHE A 26 16.62 7.00 5.24
N LYS A 27 17.52 7.90 5.56
CA LYS A 27 18.11 7.96 6.90
C LYS A 27 17.66 9.18 7.66
N VAL A 28 17.06 8.95 8.81
CA VAL A 28 16.58 10.04 9.67
C VAL A 28 17.70 10.43 10.64
N ASP A 29 18.26 11.63 10.45
CA ASP A 29 19.27 12.19 11.38
C ASP A 29 18.67 13.15 12.41
N SER A 30 17.56 13.77 12.05
CA SER A 30 16.80 14.56 13.01
C SER A 30 15.34 14.48 12.65
N ILE A 31 14.51 14.65 13.67
CA ILE A 31 13.07 14.57 13.48
C ILE A 31 12.37 15.27 14.61
N GLU A 32 11.47 16.17 14.26
CA GLU A 32 10.67 16.82 15.29
C GLU A 32 9.25 17.00 14.86
N ILE A 33 8.37 17.15 15.82
CA ILE A 33 6.99 17.49 15.51
C ILE A 33 6.84 18.95 15.18
N ILE A 34 6.27 19.27 14.02
CA ILE A 34 6.03 20.67 13.68
C ILE A 34 4.60 21.02 13.56
N GLY A 35 3.75 20.02 13.56
CA GLY A 35 2.31 20.28 13.57
C GLY A 35 1.50 19.04 13.82
N SER A 36 0.24 19.26 14.11
CA SER A 36 -0.68 18.15 14.28
C SER A 36 -2.11 18.59 14.03
N GLY A 37 -2.96 17.59 13.83
CA GLY A 37 -4.42 17.75 13.76
C GLY A 37 -5.03 16.75 14.75
N TYR A 38 -6.35 16.56 14.68
CA TYR A 38 -6.97 15.61 15.63
C TYR A 38 -6.69 14.20 15.18
N ASP A 39 -6.35 14.06 13.90
CA ASP A 39 -6.17 12.77 13.31
C ASP A 39 -4.79 12.56 12.72
N SER A 40 -3.90 13.51 12.90
CA SER A 40 -2.67 13.42 12.17
C SER A 40 -1.50 14.09 12.89
N VAL A 41 -0.30 13.80 12.40
CA VAL A 41 0.86 14.48 12.90
C VAL A 41 1.83 14.73 11.76
N ALA A 42 2.41 15.92 11.77
CA ALA A 42 3.39 16.27 10.83
C ALA A 42 4.79 16.46 11.51
N TYR A 43 5.82 16.00 10.83
CA TYR A 43 7.17 16.05 11.28
C TYR A 43 8.13 16.74 10.32
N LEU A 44 9.09 17.45 10.88
CA LEU A 44 10.21 17.97 10.10
C LEU A 44 11.40 17.09 10.31
N VAL A 45 11.87 16.52 9.22
CA VAL A 45 12.91 15.48 9.24
C VAL A 45 14.15 15.98 8.51
N ASN A 46 15.31 15.83 9.15
CA ASN A 46 16.61 16.32 8.67
C ASN A 46 16.61 17.81 8.27
N ASN A 47 15.78 18.59 8.94
CA ASN A 47 15.57 20.02 8.66
C ASN A 47 15.30 20.34 7.20
N GLU A 48 14.70 19.39 6.52
CA GLU A 48 14.58 19.47 5.08
C GLU A 48 13.26 18.91 4.53
N TYR A 49 12.75 17.85 5.16
CA TYR A 49 11.56 17.18 4.70
C TYR A 49 10.41 17.31 5.68
N ILE A 50 9.23 17.53 5.14
CA ILE A 50 8.00 17.38 5.90
C ILE A 50 7.49 15.97 5.63
N PHE A 51 7.14 15.30 6.72
CA PHE A 51 6.42 14.06 6.63
C PHE A 51 5.10 14.21 7.34
N LYS A 52 4.01 14.10 6.59
CA LYS A 52 2.61 14.11 7.13
C LYS A 52 2.17 12.70 7.36
N THR A 53 1.60 12.37 8.50
CA THR A 53 1.29 10.99 8.83
C THR A 53 -0.05 10.86 9.52
N LYS A 54 -0.69 9.74 9.30
CA LYS A 54 -1.89 9.41 10.03
C LYS A 54 -2.06 7.93 10.09
N PHE A 55 -2.74 7.49 11.13
CA PHE A 55 -3.14 6.08 11.31
C PHE A 55 -4.62 5.84 10.90
N SER A 56 -5.29 4.80 11.38
CA SER A 56 -6.66 4.53 10.84
C SER A 56 -7.61 5.73 11.09
N THR A 57 -8.24 6.23 10.04
CA THR A 57 -9.28 7.31 10.16
C THR A 57 -10.53 7.05 9.29
N ASN A 58 -11.29 8.11 8.93
CA ASN A 58 -12.31 8.07 7.84
C ASN A 58 -11.90 8.82 6.55
N LYS A 61 -9.69 7.23 2.01
CA LYS A 61 -8.83 7.42 0.81
C LYS A 61 -8.17 8.85 0.80
N GLY A 62 -7.89 9.33 2.00
CA GLY A 62 -7.49 10.69 2.24
C GLY A 62 -6.16 11.06 1.64
N TYR A 63 -5.09 10.34 2.05
CA TYR A 63 -3.75 10.64 1.49
C TYR A 63 -3.58 10.26 0.04
N ALA A 64 -4.35 9.29 -0.43
CA ALA A 64 -4.34 8.98 -1.84
C ALA A 64 -4.76 10.19 -2.67
N LYS A 65 -5.85 10.84 -2.28
CA LYS A 65 -6.38 11.96 -3.06
C LYS A 65 -5.49 13.14 -3.00
N GLU A 66 -4.96 13.38 -1.82
CA GLU A 66 -4.12 14.55 -1.57
C GLU A 66 -2.87 14.41 -2.44
N LYS A 67 -2.32 13.21 -2.45
CA LYS A 67 -1.17 12.90 -3.31
C LYS A 67 -1.52 13.10 -4.79
N ALA A 68 -2.67 12.60 -5.24
CA ALA A 68 -3.08 12.78 -6.64
C ALA A 68 -3.21 14.27 -6.99
N ILE A 69 -3.67 15.07 -6.04
CA ILE A 69 -3.82 16.45 -6.29
C ILE A 69 -2.48 17.17 -6.40
N TYR A 70 -1.53 16.83 -5.51
CA TYR A 70 -0.20 17.41 -5.61
C TYR A 70 0.41 17.09 -6.98
N ASN A 71 0.29 15.83 -7.39
CA ASN A 71 0.83 15.39 -8.67
CA ASN A 71 0.85 15.39 -8.66
C ASN A 71 0.17 16.14 -9.84
N PHE A 72 -1.16 16.25 -9.79
CA PHE A 72 -1.87 16.97 -10.83
C PHE A 72 -1.44 18.43 -10.88
N LEU A 73 -1.29 19.05 -9.71
CA LEU A 73 -0.96 20.47 -9.69
C LEU A 73 0.49 20.75 -10.10
N ASN A 74 1.40 19.88 -9.67
CA ASN A 74 2.81 20.03 -10.05
C ASN A 74 3.01 19.83 -11.56
N THR A 75 2.20 18.98 -12.14
CA THR A 75 2.21 18.81 -13.61
C THR A 75 1.61 19.99 -14.34
N ASN A 76 0.52 20.54 -13.82
CA ASN A 76 -0.27 21.46 -14.63
C ASN A 76 -0.22 22.96 -14.29
N LEU A 77 0.10 23.31 -13.06
CA LEU A 77 0.20 24.74 -12.73
C LEU A 77 1.43 25.37 -13.38
N GLU A 78 1.29 26.59 -13.84
CA GLU A 78 2.46 27.36 -14.18
C GLU A 78 2.52 28.53 -13.19
N THR A 79 3.41 28.45 -12.20
CA THR A 79 3.42 29.45 -11.18
C THR A 79 4.77 29.43 -10.56
N ASN A 80 5.16 30.54 -9.95
CA ASN A 80 6.38 30.52 -9.15
CA ASN A 80 6.35 30.72 -9.09
C ASN A 80 6.07 30.18 -7.70
N VAL A 81 4.78 30.09 -7.37
CA VAL A 81 4.38 29.68 -6.00
C VAL A 81 4.63 28.19 -5.81
N LYS A 82 5.35 27.84 -4.76
CA LYS A 82 5.64 26.43 -4.50
C LYS A 82 4.53 25.74 -3.72
N ILE A 83 4.32 24.46 -4.05
CA ILE A 83 3.40 23.62 -3.32
C ILE A 83 4.11 22.28 -3.03
N PRO A 84 3.56 21.46 -2.13
CA PRO A 84 4.28 20.21 -1.84
C PRO A 84 4.46 19.36 -3.08
N ASN A 85 5.63 18.77 -3.19
CA ASN A 85 5.93 17.87 -4.28
C ASN A 85 6.34 16.52 -3.68
N ILE A 86 5.45 15.55 -3.80
CA ILE A 86 5.58 14.31 -3.00
C ILE A 86 6.75 13.44 -3.52
N GLU A 87 7.71 13.16 -2.65
CA GLU A 87 8.82 12.27 -3.01
C GLU A 87 8.68 10.91 -2.35
N TYR A 88 8.02 10.84 -1.22
CA TYR A 88 7.81 9.57 -0.55
C TYR A 88 6.34 9.41 -0.20
N SER A 89 5.77 8.24 -0.49
CA SER A 89 4.46 8.00 -0.03
C SER A 89 4.32 6.55 0.35
N TYR A 90 3.53 6.30 1.38
CA TYR A 90 3.05 4.98 1.79
C TYR A 90 1.60 5.10 2.19
N ILE A 91 0.72 4.38 1.52
CA ILE A 91 -0.71 4.51 1.73
C ILE A 91 -1.36 3.16 2.03
N SER A 92 -1.98 3.04 3.21
CA SER A 92 -2.73 1.84 3.60
C SER A 92 -3.89 2.32 4.48
N ASP A 93 -4.84 1.45 4.77
CA ASP A 93 -5.90 1.82 5.70
C ASP A 93 -5.38 2.25 7.08
N GLU A 94 -4.39 1.51 7.57
CA GLU A 94 -3.96 1.67 8.95
CA GLU A 94 -3.96 1.64 8.94
C GLU A 94 -2.87 2.72 9.09
N LEU A 95 -2.27 3.13 7.99
CA LEU A 95 -1.16 4.06 8.04
C LEU A 95 -0.93 4.72 6.73
N SER A 96 -0.85 6.05 6.72
CA SER A 96 -0.48 6.78 5.53
C SER A 96 0.55 7.83 5.84
N ILE A 97 1.53 7.93 4.95
CA ILE A 97 2.60 8.85 5.12
C ILE A 97 2.85 9.55 3.78
N LEU A 98 3.00 10.89 3.80
CA LEU A 98 3.43 11.66 2.62
C LEU A 98 4.62 12.46 2.99
N GLY A 99 5.69 12.33 2.20
CA GLY A 99 6.87 13.18 2.42
C GLY A 99 7.26 14.06 1.24
N TYR A 100 7.70 15.28 1.56
CA TYR A 100 8.10 16.23 0.56
C TYR A 100 9.06 17.20 1.15
N LYS A 101 9.83 17.87 0.32
CA LYS A 101 10.74 18.89 0.81
C LYS A 101 9.94 20.06 1.36
N GLU A 102 10.36 20.48 2.54
CA GLU A 102 9.79 21.59 3.23
C GLU A 102 9.87 22.79 2.33
N ILE A 103 8.74 23.46 2.18
CA ILE A 103 8.78 24.81 1.59
C ILE A 103 9.19 25.81 2.62
N LYS A 104 10.18 26.61 2.30
CA LYS A 104 10.72 27.57 3.24
C LYS A 104 10.02 28.91 3.19
N GLY A 105 9.90 29.58 4.32
CA GLY A 105 9.21 30.88 4.32
C GLY A 105 8.61 31.14 5.69
N THR A 106 7.84 32.22 5.75
CA THR A 106 7.15 32.64 6.98
C THR A 106 5.65 32.59 6.74
N PHE A 107 4.92 31.92 7.62
CA PHE A 107 3.48 31.88 7.51
C PHE A 107 2.87 33.24 7.68
N LEU A 108 1.95 33.57 6.81
CA LEU A 108 1.19 34.82 6.92
C LEU A 108 0.35 34.82 8.18
N THR A 109 0.40 35.93 8.89
CA THR A 109 -0.47 36.17 10.05
C THR A 109 -1.04 37.60 10.01
N PRO A 110 -2.08 37.86 10.79
CA PRO A 110 -2.60 39.22 10.92
C PRO A 110 -1.54 40.23 11.37
N GLU A 111 -0.66 39.82 12.26
CA GLU A 111 0.35 40.74 12.79
C GLU A 111 1.31 41.16 11.68
N ILE A 112 1.78 40.17 10.96
CA ILE A 112 2.71 40.43 9.88
C ILE A 112 2.05 41.34 8.85
N TYR A 113 0.83 41.04 8.50
CA TYR A 113 0.13 41.82 7.50
C TYR A 113 0.05 43.27 7.89
N SER A 114 -0.20 43.52 9.16
CA SER A 114 -0.34 44.90 9.63
C SER A 114 0.96 45.66 9.63
N THR A 115 2.13 45.01 9.66
CA THR A 115 3.43 45.72 9.47
C THR A 115 3.73 46.03 7.96
N MET A 116 2.98 45.46 7.04
CA MET A 116 3.31 45.62 5.60
C MET A 116 2.85 47.00 5.12
N SER A 117 3.57 47.61 4.18
CA SER A 117 3.11 48.85 3.56
C SER A 117 1.89 48.53 2.73
N GLU A 118 1.14 49.54 2.39
CA GLU A 118 0.00 49.37 1.50
C GLU A 118 0.30 48.63 0.17
N GLU A 119 1.42 48.96 -0.43
CA GLU A 119 1.87 48.34 -1.65
C GLU A 119 2.20 46.87 -1.43
N GLU A 120 2.88 46.53 -0.32
CA GLU A 120 3.14 45.16 -0.02
C GLU A 120 1.89 44.34 0.15
N GLN A 121 0.93 44.93 0.82
CA GLN A 121 -0.35 44.27 1.01
C GLN A 121 -1.04 44.05 -0.33
N ASN A 122 -1.01 45.04 -1.21
CA ASN A 122 -1.59 44.90 -2.54
C ASN A 122 -0.96 43.81 -3.33
N LEU A 123 0.36 43.75 -3.33
CA LEU A 123 1.09 42.71 -4.11
C LEU A 123 0.78 41.30 -3.61
N LEU A 124 0.70 41.13 -2.29
CA LEU A 124 0.30 39.87 -1.70
C LEU A 124 -1.13 39.51 -2.10
N LYS A 125 -2.04 40.49 -2.05
CA LYS A 125 -3.41 40.21 -2.47
C LYS A 125 -3.44 39.81 -3.95
N ARG A 126 -2.68 40.52 -4.79
CA ARG A 126 -2.63 40.17 -6.24
C ARG A 126 -2.06 38.78 -6.42
N ASP A 127 -1.04 38.43 -5.63
CA ASP A 127 -0.42 37.09 -5.75
C ASP A 127 -1.46 36.02 -5.44
N ILE A 128 -2.27 36.27 -4.43
CA ILE A 128 -3.27 35.28 -4.03
C ILE A 128 -4.33 35.16 -5.08
N ALA A 129 -4.84 36.28 -5.52
CA ALA A 129 -5.85 36.24 -6.54
C ALA A 129 -5.36 35.49 -7.79
N SER A 130 -4.12 35.75 -8.19
CA SER A 130 -3.58 35.11 -9.36
C SER A 130 -3.42 33.60 -9.20
N PHE A 131 -2.97 33.16 -8.04
CA PHE A 131 -2.83 31.76 -7.81
C PHE A 131 -4.19 31.08 -7.87
N LEU A 132 -5.17 31.69 -7.22
CA LEU A 132 -6.52 31.10 -7.24
C LEU A 132 -7.16 31.11 -8.61
N ARG A 133 -6.91 32.16 -9.38
CA ARG A 133 -7.45 32.22 -10.74
C ARG A 133 -6.85 31.11 -11.61
N GLN A 134 -5.56 30.91 -11.50
CA GLN A 134 -4.93 29.86 -12.23
C GLN A 134 -5.40 28.47 -11.79
N MET A 135 -5.45 28.22 -10.49
CA MET A 135 -5.90 26.88 -10.06
C MET A 135 -7.35 26.60 -10.42
N HIS A 136 -8.19 27.58 -10.22
CA HIS A 136 -9.61 27.40 -10.54
C HIS A 136 -9.92 27.29 -12.03
N GLY A 137 -9.00 27.73 -12.88
CA GLY A 137 -9.17 27.71 -14.34
C GLY A 137 -8.61 26.42 -14.94
N LEU A 138 -8.01 25.55 -14.16
CA LEU A 138 -7.53 24.31 -14.72
C LEU A 138 -8.66 23.38 -15.16
N ASP A 139 -8.43 22.75 -16.30
CA ASP A 139 -9.21 21.64 -16.76
C ASP A 139 -8.88 20.52 -15.75
N TYR A 140 -9.90 20.07 -15.03
CA TYR A 140 -9.70 19.08 -13.95
C TYR A 140 -10.08 17.64 -14.33
N THR A 141 -10.23 17.40 -15.63
CA THR A 141 -10.68 16.13 -16.13
C THR A 141 -9.82 15.01 -15.54
N ASP A 142 -8.51 15.25 -15.46
CA ASP A 142 -7.56 14.21 -15.04
C ASP A 142 -7.67 13.80 -13.53
N ILE A 143 -8.34 14.64 -12.74
CA ILE A 143 -8.67 14.33 -11.34
C ILE A 143 -10.18 14.39 -11.11
N SER A 144 -10.96 13.96 -12.10
CA SER A 144 -12.39 14.17 -12.03
C SER A 144 -13.07 13.37 -10.89
N GLU A 145 -12.37 12.38 -10.34
CA GLU A 145 -12.90 11.56 -9.25
C GLU A 145 -12.87 12.34 -7.93
N CYS A 146 -12.10 13.42 -7.88
CA CYS A 146 -11.98 14.21 -6.64
C CYS A 146 -13.06 15.29 -6.47
N THR A 147 -14.30 14.97 -6.78
CA THR A 147 -15.45 15.85 -6.61
CA THR A 147 -15.43 15.87 -6.59
C THR A 147 -15.90 15.86 -5.16
N ILE A 148 -16.36 17.00 -4.71
CA ILE A 148 -16.89 17.14 -3.36
C ILE A 148 -18.20 17.89 -3.54
N ASP A 149 -19.28 17.34 -3.02
CA ASP A 149 -20.59 18.00 -3.06
C ASP A 149 -20.95 18.34 -1.61
N ASN A 150 -20.68 19.58 -1.19
CA ASN A 150 -20.96 20.00 0.18
C ASN A 150 -22.43 19.92 0.58
N LYS A 151 -23.33 20.34 -0.29
CA LYS A 151 -24.75 20.27 0.10
C LYS A 151 -25.18 18.85 0.35
N GLN A 152 -24.85 17.97 -0.57
CA GLN A 152 -25.25 16.56 -0.44
C GLN A 152 -24.58 15.94 0.79
N ASN A 153 -23.31 16.29 1.02
CA ASN A 153 -22.61 15.86 2.22
C ASN A 153 -23.36 16.25 3.49
N VAL A 154 -23.79 17.51 3.59
CA VAL A 154 -24.59 17.98 4.71
C VAL A 154 -25.88 17.20 4.88
N LEU A 155 -26.60 16.98 3.79
CA LEU A 155 -27.83 16.19 3.87
CA LEU A 155 -27.85 16.21 3.84
C LEU A 155 -27.56 14.80 4.40
N GLU A 156 -26.48 14.17 3.97
CA GLU A 156 -26.14 12.87 4.50
C GLU A 156 -25.75 12.90 5.96
N GLU A 157 -25.08 13.94 6.37
CA GLU A 157 -24.70 14.09 7.76
C GLU A 157 -25.92 14.33 8.63
N TYR A 158 -26.90 15.04 8.07
CA TYR A 158 -28.15 15.29 8.77
C TYR A 158 -28.89 13.98 8.97
N ILE A 159 -28.88 13.13 7.96
CA ILE A 159 -29.50 11.85 8.11
C ILE A 159 -28.85 10.99 9.17
N LEU A 160 -27.53 11.00 9.22
CA LEU A 160 -26.81 10.32 10.27
C LEU A 160 -27.20 10.85 11.64
N LEU A 161 -27.32 12.17 11.78
CA LEU A 161 -27.79 12.77 13.03
C LEU A 161 -29.15 12.23 13.44
N ARG A 162 -30.06 12.21 12.47
CA ARG A 162 -31.43 11.69 12.70
C ARG A 162 -31.44 10.23 13.11
N GLU A 163 -30.52 9.43 12.56
CA GLU A 163 -30.40 8.04 12.91
C GLU A 163 -29.67 7.79 14.24
N THR A 164 -29.02 8.81 14.82
CA THR A 164 -28.20 8.57 16.00
C THR A 164 -28.73 9.40 17.15
N ILE A 165 -28.24 10.61 17.29
CA ILE A 165 -28.50 11.31 18.54
C ILE A 165 -29.56 12.41 18.48
N TYR A 166 -30.09 12.70 17.30
CA TYR A 166 -30.98 13.85 17.16
C TYR A 166 -32.08 13.87 18.18
N ASN A 167 -32.70 12.74 18.41
CA ASN A 167 -33.87 12.70 19.32
C ASN A 167 -33.53 13.02 20.78
N ASP A 168 -32.28 12.83 21.16
CA ASP A 168 -31.81 13.20 22.49
C ASP A 168 -31.29 14.65 22.65
N LEU A 169 -31.26 15.40 21.56
CA LEU A 169 -30.85 16.83 21.67
C LEU A 169 -31.90 17.65 22.36
N THR A 170 -31.54 18.83 22.82
CA THR A 170 -32.53 19.79 23.37
C THR A 170 -33.28 20.52 22.24
N ASP A 171 -34.38 21.18 22.59
CA ASP A 171 -35.17 21.96 21.65
C ASP A 171 -34.31 23.03 21.04
N ILE A 172 -33.49 23.68 21.85
CA ILE A 172 -32.61 24.75 21.34
C ILE A 172 -31.62 24.21 20.29
N GLU A 173 -31.11 23.00 20.51
CA GLU A 173 -30.19 22.40 19.60
C GLU A 173 -30.91 22.00 18.32
N LYS A 174 -32.05 21.34 18.49
CA LYS A 174 -32.86 20.98 17.35
C LYS A 174 -33.21 22.16 16.52
N ASP A 175 -33.63 23.26 17.14
CA ASP A 175 -34.01 24.43 16.38
C ASP A 175 -32.85 25.03 15.59
N TYR A 176 -31.68 25.09 16.17
CA TYR A 176 -30.49 25.55 15.49
C TYR A 176 -30.26 24.71 14.26
N ILE A 177 -30.30 23.41 14.42
CA ILE A 177 -30.14 22.50 13.28
C ILE A 177 -31.19 22.69 12.19
N GLU A 178 -32.47 22.67 12.58
CA GLU A 178 -33.54 22.84 11.63
C GLU A 178 -33.50 24.19 10.94
N SER A 179 -33.20 25.23 11.67
CA SER A 179 -33.05 26.52 11.09
C SER A 179 -31.89 26.57 10.02
N PHE A 180 -30.80 25.90 10.30
CA PHE A 180 -29.77 25.71 9.32
C PHE A 180 -30.26 24.94 8.10
N MET A 181 -30.95 23.84 8.31
CA MET A 181 -31.44 23.01 7.19
C MET A 181 -32.42 23.79 6.31
N GLU A 182 -33.22 24.64 6.91
CA GLU A 182 -34.13 25.48 6.16
C GLU A 182 -33.36 26.50 5.26
N ARG A 183 -32.33 27.06 5.82
CA ARG A 183 -31.48 27.96 5.05
C ARG A 183 -30.74 27.21 3.91
N LEU A 184 -30.27 26.02 4.19
CA LEU A 184 -29.61 25.19 3.18
C LEU A 184 -30.53 24.94 1.99
N ASN A 185 -31.79 24.74 2.27
CA ASN A 185 -32.74 24.45 1.26
C ASN A 185 -33.12 25.67 0.43
N ALA A 186 -33.08 26.85 1.07
CA ALA A 186 -33.45 28.05 0.34
C ALA A 186 -32.25 28.66 -0.43
N THR A 187 -31.03 28.35 -0.08
CA THR A 187 -29.90 29.08 -0.68
C THR A 187 -29.68 28.64 -2.12
N THR A 188 -29.10 29.53 -2.93
CA THR A 188 -28.62 29.19 -4.27
C THR A 188 -27.12 29.10 -4.37
N VAL A 189 -26.39 29.26 -3.28
CA VAL A 189 -24.94 29.34 -3.40
C VAL A 189 -24.19 28.07 -3.78
N PHE A 190 -24.87 26.92 -3.84
CA PHE A 190 -24.24 25.68 -4.40
C PHE A 190 -24.49 25.45 -5.88
N GLU A 191 -25.06 26.42 -6.56
CA GLU A 191 -25.48 26.20 -7.94
C GLU A 191 -24.57 26.87 -8.95
N GLY A 192 -23.42 27.35 -8.53
CA GLY A 192 -22.56 28.10 -9.42
C GLY A 192 -21.42 27.26 -9.93
N LYS A 193 -20.37 27.94 -10.39
CA LYS A 193 -19.22 27.31 -10.96
C LYS A 193 -18.53 26.34 -9.96
N LYS A 194 -18.23 25.14 -10.48
CA LYS A 194 -17.44 24.17 -9.79
C LYS A 194 -16.04 24.19 -10.40
N CYS A 195 -15.01 24.03 -9.58
CA CYS A 195 -13.65 23.96 -10.01
C CYS A 195 -12.77 23.36 -8.95
N LEU A 196 -11.50 23.12 -9.30
CA LEU A 196 -10.57 22.57 -8.34
C LEU A 196 -10.22 23.69 -7.38
N CYS A 197 -10.49 23.45 -6.11
CA CYS A 197 -10.20 24.39 -5.02
C CYS A 197 -9.26 23.77 -3.97
N HIS A 198 -8.47 24.61 -3.34
CA HIS A 198 -7.65 24.21 -2.23
C HIS A 198 -8.53 23.70 -1.08
N ASN A 199 -9.56 24.48 -0.79
CA ASN A 199 -10.64 24.11 0.13
C ASN A 199 -10.25 24.06 1.62
N ASP A 200 -9.11 24.64 1.95
CA ASP A 200 -8.81 24.95 3.36
C ASP A 200 -7.88 26.16 3.36
N PHE A 201 -8.32 27.18 2.67
CA PHE A 201 -7.43 28.25 2.21
C PHE A 201 -7.33 29.43 3.20
N SER A 202 -6.68 29.16 4.34
CA SER A 202 -6.50 30.07 5.42
C SER A 202 -5.11 30.61 5.44
N CYS A 203 -4.89 31.69 6.18
CA CYS A 203 -3.58 32.29 6.14
C CYS A 203 -2.46 31.44 6.80
N ASN A 204 -2.79 30.52 7.71
CA ASN A 204 -1.78 29.58 8.20
C ASN A 204 -1.28 28.52 7.18
N HIS A 205 -1.81 28.54 5.95
CA HIS A 205 -1.29 27.70 4.90
C HIS A 205 -0.57 28.51 3.86
N LEU A 206 -0.38 29.79 4.09
CA LEU A 206 0.26 30.66 3.09
C LEU A 206 1.64 31.10 3.58
N LEU A 207 2.66 30.86 2.76
CA LEU A 207 4.01 31.21 3.12
C LEU A 207 4.51 32.42 2.37
N LEU A 208 5.20 33.29 3.10
CA LEU A 208 5.81 34.47 2.52
C LEU A 208 7.31 34.33 2.44
N ASP A 209 7.92 34.92 1.39
CA ASP A 209 9.38 35.05 1.31
C ASP A 209 9.84 36.32 2.04
N GLY A 210 11.14 36.60 1.97
CA GLY A 210 11.78 37.70 2.68
C GLY A 210 11.31 39.10 2.28
N ASN A 211 10.64 39.20 1.14
CA ASN A 211 9.99 40.44 0.69
C ASN A 211 8.49 40.50 0.88
N ASN A 212 7.97 39.60 1.69
CA ASN A 212 6.53 39.51 1.98
C ASN A 212 5.64 39.22 0.82
N ARG A 213 6.20 38.48 -0.14
CA ARG A 213 5.45 38.01 -1.27
C ARG A 213 5.12 36.55 -1.02
N LEU A 214 4.09 36.12 -1.70
CA LEU A 214 3.63 34.78 -1.57
C LEU A 214 4.62 33.84 -2.26
N THR A 215 5.12 32.89 -1.50
CA THR A 215 6.13 32.00 -2.03
C THR A 215 5.69 30.56 -2.02
N GLY A 216 4.72 30.20 -1.15
CA GLY A 216 4.29 28.80 -1.08
C GLY A 216 2.91 28.66 -0.44
N ILE A 217 2.24 27.55 -0.78
CA ILE A 217 0.96 27.19 -0.24
C ILE A 217 1.00 25.69 0.09
N ILE A 218 0.56 25.36 1.29
CA ILE A 218 0.61 23.99 1.75
C ILE A 218 -0.78 23.47 2.05
N ASP A 219 -0.83 22.22 2.43
CA ASP A 219 -2.03 21.51 2.94
C ASP A 219 -3.20 21.59 1.95
N PHE A 220 -3.07 20.82 0.88
CA PHE A 220 -4.15 20.62 -0.04
C PHE A 220 -4.92 19.31 0.34
N GLY A 221 -4.89 18.96 1.62
CA GLY A 221 -5.50 17.78 2.12
C GLY A 221 -7.02 17.70 2.06
N ASP A 222 -7.69 18.81 1.81
CA ASP A 222 -9.16 18.76 1.65
C ASP A 222 -9.57 19.18 0.27
N SER A 223 -8.58 19.33 -0.58
CA SER A 223 -8.75 19.89 -1.90
C SER A 223 -9.57 18.97 -2.80
N GLY A 224 -10.32 19.58 -3.70
CA GLY A 224 -11.20 18.87 -4.59
C GLY A 224 -11.95 19.77 -5.52
N ILE A 225 -12.75 19.16 -6.35
CA ILE A 225 -13.58 19.87 -7.29
C ILE A 225 -14.88 20.20 -6.60
N ILE A 226 -15.14 21.47 -6.46
CA ILE A 226 -16.15 21.94 -5.51
C ILE A 226 -16.54 23.37 -5.91
N ASP A 227 -17.46 24.01 -5.17
CA ASP A 227 -17.80 25.40 -5.49
C ASP A 227 -16.60 26.36 -5.43
N GLU A 228 -16.47 27.17 -6.47
CA GLU A 228 -15.48 28.22 -6.58
C GLU A 228 -15.48 29.11 -5.29
N TYR A 229 -16.64 29.33 -4.69
CA TYR A 229 -16.73 30.16 -3.50
C TYR A 229 -15.93 29.63 -2.32
N CYS A 230 -15.65 28.32 -2.29
CA CYS A 230 -14.95 27.64 -1.18
C CYS A 230 -13.63 28.25 -0.82
N ASP A 231 -12.88 28.69 -1.80
CA ASP A 231 -11.55 29.18 -1.48
C ASP A 231 -11.51 30.58 -0.93
N PHE A 232 -12.68 31.18 -0.76
CA PHE A 232 -12.77 32.53 -0.16
C PHE A 232 -13.29 32.57 1.26
N ILE A 233 -13.63 31.42 1.78
CA ILE A 233 -14.27 31.32 3.07
C ILE A 233 -13.44 31.88 4.21
N TYR A 234 -12.12 31.63 4.17
CA TYR A 234 -11.24 32.15 5.26
C TYR A 234 -10.76 33.54 4.93
N LEU A 235 -10.58 33.80 3.64
CA LEU A 235 -10.21 35.16 3.23
C LEU A 235 -11.28 36.15 3.63
N LEU A 236 -12.53 35.72 3.67
CA LEU A 236 -13.61 36.59 4.09
C LEU A 236 -13.86 36.62 5.64
N GLU A 237 -13.13 35.82 6.42
CA GLU A 237 -13.47 35.60 7.82
C GLU A 237 -12.96 36.74 8.67
N ASP A 238 -13.80 37.23 9.52
CA ASP A 238 -13.43 38.21 10.53
C ASP A 238 -13.15 37.43 11.85
N SER A 239 -11.89 37.17 12.15
CA SER A 239 -11.49 36.47 13.41
C SER A 239 -10.06 36.82 13.76
N GLU A 240 -9.61 36.39 14.93
CA GLU A 240 -8.26 36.67 15.39
C GLU A 240 -7.22 35.95 14.55
N GLU A 241 -7.61 34.85 13.95
CA GLU A 241 -6.65 34.03 13.15
C GLU A 241 -6.52 34.49 11.67
N GLU A 242 -7.51 35.20 11.15
CA GLU A 242 -7.47 35.60 9.76
C GLU A 242 -7.33 37.11 9.63
N ILE A 243 -7.00 37.58 8.44
CA ILE A 243 -6.70 38.98 8.25
C ILE A 243 -7.90 39.83 8.32
N GLY A 244 -8.98 39.42 7.69
CA GLY A 244 -10.24 40.22 7.81
C GLY A 244 -11.04 40.27 6.54
N THR A 245 -12.29 40.66 6.67
CA THR A 245 -13.25 40.64 5.58
C THR A 245 -12.83 41.55 4.42
N ASN A 246 -12.20 42.67 4.71
CA ASN A 246 -11.76 43.62 3.65
C ASN A 246 -10.63 43.03 2.81
N PHE A 247 -9.83 42.20 3.44
CA PHE A 247 -8.77 41.46 2.73
C PHE A 247 -9.37 40.54 1.67
N GLY A 248 -10.32 39.71 2.10
CA GLY A 248 -11.02 38.83 1.16
C GLY A 248 -11.80 39.56 0.07
N GLU A 249 -12.44 40.63 0.44
CA GLU A 249 -13.16 41.45 -0.54
C GLU A 249 -12.25 42.02 -1.62
N ASP A 250 -11.11 42.57 -1.21
CA ASP A 250 -10.17 43.11 -2.17
C ASP A 250 -9.65 41.98 -3.09
N ILE A 251 -9.37 40.82 -2.52
CA ILE A 251 -8.88 39.73 -3.30
C ILE A 251 -9.95 39.26 -4.30
N LEU A 252 -11.18 39.24 -3.87
CA LEU A 252 -12.27 38.90 -4.77
C LEU A 252 -12.40 39.91 -5.93
N ARG A 253 -12.21 41.17 -5.64
CA ARG A 253 -12.25 42.18 -6.70
C ARG A 253 -11.09 41.95 -7.70
N MET A 254 -9.92 41.60 -7.19
CA MET A 254 -8.76 41.38 -8.06
C MET A 254 -8.98 40.12 -8.88
N TYR A 255 -9.61 39.11 -8.26
CA TYR A 255 -9.83 37.85 -8.88
C TYR A 255 -10.82 38.02 -10.05
N GLY A 256 -11.87 38.77 -9.81
CA GLY A 256 -12.82 39.19 -10.81
C GLY A 256 -13.84 38.11 -11.17
N ASN A 257 -14.92 38.55 -11.81
CA ASN A 257 -15.95 37.64 -12.34
C ASN A 257 -16.45 36.64 -11.31
N ILE A 258 -16.82 37.18 -10.16
CA ILE A 258 -17.44 36.37 -9.12
C ILE A 258 -18.33 37.28 -8.30
N ASP A 259 -19.45 36.73 -7.90
CA ASP A 259 -20.42 37.42 -7.13
C ASP A 259 -19.98 37.45 -5.66
N ILE A 260 -19.62 38.61 -5.19
CA ILE A 260 -19.05 38.79 -3.85
C ILE A 260 -20.07 38.51 -2.80
N GLU A 261 -21.30 38.91 -3.04
CA GLU A 261 -22.34 38.74 -2.05
C GLU A 261 -22.62 37.22 -1.86
N LYS A 262 -22.57 36.45 -2.94
CA LYS A 262 -22.72 34.97 -2.86
C LYS A 262 -21.55 34.36 -2.17
N ALA A 263 -20.35 34.85 -2.45
CA ALA A 263 -19.20 34.38 -1.70
C ALA A 263 -19.39 34.55 -0.22
N LYS A 264 -19.93 35.71 0.18
CA LYS A 264 -20.16 35.99 1.60
C LYS A 264 -21.26 35.17 2.18
N GLU A 265 -22.29 34.96 1.41
CA GLU A 265 -23.35 34.06 1.84
C GLU A 265 -22.81 32.63 2.07
N TYR A 266 -21.92 32.18 1.18
CA TYR A 266 -21.37 30.84 1.29
C TYR A 266 -20.51 30.74 2.53
N GLN A 267 -19.68 31.73 2.78
CA GLN A 267 -18.92 31.72 4.04
C GLN A 267 -19.84 31.72 5.29
N ASP A 268 -20.92 32.51 5.24
CA ASP A 268 -21.81 32.64 6.41
C ASP A 268 -22.55 31.31 6.72
N ILE A 269 -22.93 30.61 5.67
CA ILE A 269 -23.54 29.30 5.78
C ILE A 269 -22.57 28.23 6.30
N VAL A 270 -21.34 28.20 5.80
CA VAL A 270 -20.31 27.33 6.34
C VAL A 270 -20.03 27.61 7.78
N GLU A 271 -20.02 28.89 8.15
CA GLU A 271 -19.74 29.23 9.53
C GLU A 271 -20.90 28.74 10.44
N GLU A 272 -22.13 28.94 10.01
CA GLU A 272 -23.28 28.50 10.77
C GLU A 272 -23.25 26.97 10.94
N TYR A 273 -22.81 26.23 9.90
CA TYR A 273 -22.71 24.78 9.97
C TYR A 273 -21.71 24.25 11.01
N TYR A 274 -20.71 25.04 11.34
CA TYR A 274 -19.59 24.58 12.13
C TYR A 274 -19.90 23.74 13.40
N PRO A 275 -20.77 24.21 14.29
CA PRO A 275 -21.15 23.42 15.43
C PRO A 275 -21.75 22.04 15.06
N ILE A 276 -22.47 21.98 13.95
CA ILE A 276 -23.10 20.76 13.51
C ILE A 276 -22.02 19.82 12.92
N GLU A 277 -21.13 20.41 12.14
CA GLU A 277 -19.98 19.68 11.61
C GLU A 277 -19.18 19.06 12.74
N THR A 278 -19.05 19.82 13.85
CA THR A 278 -18.29 19.40 14.99
C THR A 278 -19.02 18.16 15.64
N ILE A 279 -20.33 18.25 15.77
CA ILE A 279 -21.11 17.16 16.39
C ILE A 279 -20.93 15.88 15.55
N VAL A 280 -21.09 16.04 14.24
CA VAL A 280 -21.03 14.95 13.29
C VAL A 280 -19.66 14.28 13.33
N TYR A 281 -18.61 15.07 13.43
CA TYR A 281 -17.26 14.52 13.59
C TYR A 281 -17.21 13.65 14.84
N GLY A 282 -17.84 14.08 15.91
CA GLY A 282 -17.82 13.33 17.15
C GLY A 282 -18.58 12.00 17.04
N ILE A 283 -19.67 12.03 16.32
CA ILE A 283 -20.49 10.84 16.14
C ILE A 283 -19.67 9.85 15.32
N LYS A 284 -19.15 10.31 14.19
CA LYS A 284 -18.51 9.39 13.25
C LYS A 284 -17.24 8.78 13.84
N ASN A 285 -16.57 9.52 14.70
CA ASN A 285 -15.29 9.10 15.25
C ASN A 285 -15.39 8.63 16.68
N ILE A 286 -16.61 8.54 17.17
CA ILE A 286 -16.88 8.07 18.52
C ILE A 286 -16.03 8.88 19.50
N LYS A 287 -16.21 10.20 19.44
CA LYS A 287 -15.52 11.10 20.31
C LYS A 287 -16.53 12.05 20.93
N GLN A 288 -16.97 11.67 22.10
CA GLN A 288 -18.00 12.38 22.82
C GLN A 288 -17.66 13.85 23.05
N GLU A 289 -16.40 14.17 23.26
CA GLU A 289 -16.00 15.56 23.59
C GLU A 289 -16.35 16.52 22.43
N PHE A 290 -16.32 16.02 21.19
CA PHE A 290 -16.70 16.82 20.04
C PHE A 290 -18.20 17.04 19.96
N ILE A 291 -18.96 16.02 20.36
CA ILE A 291 -20.43 16.15 20.38
C ILE A 291 -20.78 17.24 21.39
N GLU A 292 -20.19 17.14 22.58
CA GLU A 292 -20.41 18.13 23.61
C GLU A 292 -19.98 19.54 23.16
N ASN A 293 -18.79 19.65 22.60
CA ASN A 293 -18.27 20.97 22.21
C ASN A 293 -19.22 21.64 21.20
N GLY A 294 -19.71 20.89 20.26
CA GLY A 294 -20.56 21.46 19.23
C GLY A 294 -21.89 21.87 19.82
N ARG A 295 -22.40 21.09 20.73
CA ARG A 295 -23.70 21.40 21.36
C ARG A 295 -23.58 22.68 22.19
N LYS A 296 -22.50 22.76 22.96
CA LYS A 296 -22.24 23.96 23.73
C LYS A 296 -22.11 25.18 22.82
N GLU A 297 -21.44 25.03 21.69
CA GLU A 297 -21.26 26.13 20.76
C GLU A 297 -22.63 26.65 20.20
N ILE A 298 -23.56 25.73 20.02
CA ILE A 298 -24.89 26.10 19.59
C ILE A 298 -25.54 27.07 20.60
N TYR A 299 -25.40 26.80 21.91
CA TYR A 299 -25.85 27.71 22.96
C TYR A 299 -25.09 29.01 22.95
N LYS A 300 -23.78 28.97 22.78
CA LYS A 300 -23.03 30.22 22.69
C LYS A 300 -23.53 31.13 21.57
N ARG A 301 -23.71 30.56 20.40
CA ARG A 301 -24.21 31.37 19.25
C ARG A 301 -25.65 31.85 19.45
N THR A 302 -26.49 31.01 20.01
CA THR A 302 -27.91 31.33 20.18
C THR A 302 -28.06 32.53 21.10
N TYR A 303 -27.19 32.62 22.10
CA TYR A 303 -27.27 33.67 23.12
C TYR A 303 -26.43 34.91 22.86
N LYS A 304 -25.65 34.91 21.78
CA LYS A 304 -24.81 36.06 21.42
C LYS A 304 -25.80 37.11 20.96
N ASP A 305 -25.61 38.34 21.44
CA ASP A 305 -26.61 39.41 21.36
C ASP A 305 -26.64 40.17 20.06
N TYR B 5 -2.76 19.20 20.80
CA TYR B 5 -1.90 17.98 20.65
C TYR B 5 -1.91 17.12 21.91
N ASP B 6 -1.93 15.80 21.70
CA ASP B 6 -1.90 14.81 22.78
C ASP B 6 -0.79 13.74 22.52
N ASP B 7 0.38 13.93 23.14
CA ASP B 7 1.53 12.97 23.05
C ASP B 7 1.10 11.52 23.41
N ASN B 8 0.21 11.39 24.40
CA ASN B 8 -0.34 10.10 24.88
C ASN B 8 -1.12 9.30 23.81
N ALA B 9 -2.22 9.86 23.31
CA ALA B 9 -3.01 9.20 22.25
C ALA B 9 -2.17 8.81 21.02
N THR B 10 -1.19 9.64 20.64
CA THR B 10 -0.38 9.35 19.44
C THR B 10 0.53 8.13 19.57
N ASN B 11 1.16 8.01 20.76
CA ASN B 11 2.17 6.94 21.02
C ASN B 11 1.46 5.59 20.97
N VAL B 12 0.30 5.60 21.59
CA VAL B 12 -0.53 4.41 21.69
C VAL B 12 -0.98 3.91 20.30
N LYS B 13 -1.33 4.85 19.41
CA LYS B 13 -1.73 4.49 18.02
C LYS B 13 -0.60 3.82 17.29
N ALA B 14 0.57 4.42 17.40
CA ALA B 14 1.74 3.87 16.73
C ALA B 14 2.07 2.46 17.23
N MET B 15 2.04 2.28 18.55
CA MET B 15 2.38 0.98 19.10
C MET B 15 1.28 -0.06 18.82
N LYS B 16 0.02 0.38 18.80
CA LYS B 16 -1.08 -0.51 18.40
C LYS B 16 -0.83 -1.00 17.01
N TYR B 17 -0.44 -0.08 16.14
CA TYR B 17 -0.11 -0.42 14.77
C TYR B 17 1.00 -1.43 14.70
N LEU B 18 2.07 -1.18 15.42
CA LEU B 18 3.23 -2.07 15.35
C LEU B 18 2.92 -3.48 15.92
N ILE B 19 2.16 -3.54 16.98
CA ILE B 19 1.78 -4.83 17.58
C ILE B 19 0.97 -5.65 16.59
N GLU B 20 -0.03 -5.00 15.99
CA GLU B 20 -0.88 -5.69 15.04
C GLU B 20 -0.12 -6.03 13.77
N HIS B 21 0.91 -5.26 13.45
CA HIS B 21 1.67 -5.50 12.24
C HIS B 21 2.62 -6.67 12.43
N TYR B 22 3.31 -6.73 13.55
CA TYR B 22 4.33 -7.79 13.78
C TYR B 22 3.75 -9.10 14.35
N PHE B 23 2.59 -9.03 14.99
CA PHE B 23 1.88 -10.19 15.55
C PHE B 23 0.54 -10.41 14.86
N ASP B 24 0.57 -11.27 13.85
CA ASP B 24 -0.61 -11.67 13.05
C ASP B 24 -1.81 -12.12 13.86
N ASN B 25 -2.96 -11.54 13.56
CA ASN B 25 -4.17 -11.89 14.29
C ASN B 25 -4.05 -11.69 15.79
N PHE B 26 -3.14 -10.83 16.23
CA PHE B 26 -3.31 -10.23 17.54
C PHE B 26 -4.12 -8.96 17.37
N LYS B 27 -5.23 -8.86 18.07
CA LYS B 27 -6.12 -7.71 17.94
C LYS B 27 -6.11 -6.87 19.17
N VAL B 28 -5.79 -5.60 18.99
CA VAL B 28 -5.68 -4.66 20.12
C VAL B 28 -7.00 -3.98 20.29
N ASP B 29 -7.69 -4.32 21.36
CA ASP B 29 -8.99 -3.74 21.67
C ASP B 29 -8.79 -2.55 22.60
N SER B 30 -7.78 -2.63 23.44
CA SER B 30 -7.45 -1.52 24.32
C SER B 30 -5.94 -1.54 24.56
N ILE B 31 -5.41 -0.35 24.82
CA ILE B 31 -3.98 -0.18 25.00
C ILE B 31 -3.74 1.10 25.76
N GLU B 32 -2.96 0.98 26.83
CA GLU B 32 -2.55 2.15 27.58
C GLU B 32 -1.10 2.04 28.04
N ILE B 33 -0.49 3.19 28.22
CA ILE B 33 0.87 3.27 28.71
C ILE B 33 0.82 2.99 30.20
N ILE B 34 1.58 2.01 30.67
CA ILE B 34 1.63 1.74 32.13
C ILE B 34 2.95 2.04 32.73
N GLY B 35 3.95 2.21 31.90
CA GLY B 35 5.23 2.69 32.37
C GLY B 35 6.14 3.10 31.26
N SER B 36 7.20 3.77 31.66
CA SER B 36 8.27 4.08 30.73
C SER B 36 9.61 4.23 31.45
N GLY B 37 10.64 4.22 30.61
CA GLY B 37 11.97 4.66 30.99
C GLY B 37 12.38 5.73 29.98
N TYR B 38 13.66 6.07 30.00
CA TYR B 38 14.15 7.02 29.01
C TYR B 38 14.34 6.39 27.65
N ASP B 39 14.44 5.06 27.64
CA ASP B 39 14.68 4.30 26.43
C ASP B 39 13.63 3.29 26.08
N SER B 40 12.54 3.28 26.83
CA SER B 40 11.54 2.27 26.61
C SER B 40 10.16 2.68 27.04
N VAL B 41 9.19 1.91 26.61
CA VAL B 41 7.84 2.13 27.04
C VAL B 41 7.14 0.82 27.21
N ALA B 42 6.36 0.71 28.23
CA ALA B 42 5.59 -0.46 28.47
C ALA B 42 4.08 -0.16 28.41
N TYR B 43 3.34 -1.05 27.79
CA TYR B 43 1.88 -0.88 27.58
C TYR B 43 1.10 -2.03 28.18
N LEU B 44 -0.10 -1.73 28.66
CA LEU B 44 -1.07 -2.76 29.03
C LEU B 44 -2.09 -2.84 27.92
N VAL B 45 -2.17 -4.00 27.29
CA VAL B 45 -2.96 -4.26 26.13
C VAL B 45 -4.10 -5.26 26.45
N ASN B 46 -5.32 -4.91 26.07
CA ASN B 46 -6.54 -5.71 26.34
C ASN B 46 -6.71 -6.07 27.81
N ASN B 47 -6.22 -5.20 28.68
CA ASN B 47 -6.23 -5.40 30.14
C ASN B 47 -5.69 -6.73 30.60
N GLU B 48 -4.76 -7.26 29.83
CA GLU B 48 -4.32 -8.62 30.00
C GLU B 48 -2.82 -8.83 29.71
N TYR B 49 -2.31 -8.14 28.69
CA TYR B 49 -0.92 -8.31 28.24
C TYR B 49 -0.06 -7.09 28.49
N ILE B 50 1.15 -7.33 28.95
CA ILE B 50 2.20 -6.31 29.02
C ILE B 50 2.94 -6.46 27.73
N PHE B 51 3.11 -5.33 27.06
CA PHE B 51 4.04 -5.25 25.94
C PHE B 51 5.12 -4.24 26.30
N LYS B 52 6.37 -4.71 26.44
CA LYS B 52 7.54 -3.86 26.62
C LYS B 52 8.09 -3.56 25.25
N THR B 53 8.50 -2.31 25.00
CA THR B 53 9.01 -1.94 23.69
C THR B 53 10.15 -0.99 23.78
N LYS B 54 11.06 -1.12 22.85
CA LYS B 54 12.14 -0.15 22.72
C LYS B 54 12.63 -0.06 21.29
N PHE B 55 13.10 1.12 20.92
CA PHE B 55 13.72 1.37 19.61
C PHE B 55 15.30 1.33 19.67
N SER B 56 16.04 1.88 18.72
CA SER B 56 17.55 1.64 18.68
C SER B 56 18.20 1.99 20.02
N THR B 57 18.84 1.04 20.71
CA THR B 57 19.67 1.38 21.94
C THR B 57 20.91 0.45 22.32
N ASN B 58 20.70 -0.88 22.30
CA ASN B 58 21.66 -1.95 22.68
C ASN B 58 21.03 -3.37 22.63
N GLY B 62 19.88 -7.57 23.80
CA GLY B 62 19.21 -6.49 24.60
C GLY B 62 17.90 -7.12 25.04
N TYR B 63 16.85 -6.94 24.20
CA TYR B 63 15.67 -7.82 24.42
C TYR B 63 15.96 -9.27 24.12
N ALA B 64 16.97 -9.55 23.31
CA ALA B 64 17.33 -10.96 22.99
C ALA B 64 17.74 -11.69 24.25
N LYS B 65 18.60 -11.06 25.04
CA LYS B 65 19.11 -11.64 26.27
C LYS B 65 17.98 -11.76 27.31
N GLU B 66 17.19 -10.71 27.43
CA GLU B 66 16.10 -10.71 28.41
C GLU B 66 15.13 -11.87 28.11
N LYS B 67 14.78 -12.01 26.83
CA LYS B 67 13.94 -13.13 26.40
C LYS B 67 14.57 -14.49 26.69
N ALA B 68 15.83 -14.66 26.36
CA ALA B 68 16.53 -15.90 26.62
C ALA B 68 16.51 -16.21 28.11
N ILE B 69 16.57 -15.16 28.92
CA ILE B 69 16.58 -15.35 30.35
C ILE B 69 15.20 -15.76 30.89
N TYR B 70 14.16 -15.13 30.40
CA TYR B 70 12.80 -15.57 30.77
C TYR B 70 12.57 -17.05 30.40
N ASN B 71 12.95 -17.42 29.19
CA ASN B 71 12.80 -18.80 28.73
CA ASN B 71 12.79 -18.79 28.73
C ASN B 71 13.61 -19.75 29.62
N PHE B 72 14.85 -19.39 29.90
CA PHE B 72 15.67 -20.24 30.75
C PHE B 72 15.05 -20.40 32.14
N LEU B 73 14.53 -19.31 32.66
CA LEU B 73 14.00 -19.35 34.04
C LEU B 73 12.68 -20.12 34.09
N ASN B 74 11.84 -19.93 33.07
CA ASN B 74 10.54 -20.60 33.05
C ASN B 74 10.70 -22.11 32.88
N THR B 75 11.72 -22.50 32.15
CA THR B 75 12.11 -23.91 32.06
C THR B 75 12.74 -24.47 33.36
N ASN B 76 13.59 -23.72 34.04
CA ASN B 76 14.40 -24.30 35.12
C ASN B 76 14.07 -23.95 36.56
N LEU B 77 13.40 -22.84 36.81
CA LEU B 77 12.97 -22.53 38.20
C LEU B 77 11.82 -23.40 38.66
N GLU B 78 11.86 -23.81 39.90
CA GLU B 78 10.67 -24.41 40.50
C GLU B 78 10.24 -23.48 41.62
N THR B 79 9.18 -22.72 41.41
CA THR B 79 8.81 -21.72 42.37
C THR B 79 7.37 -21.38 42.15
N ASN B 80 6.67 -20.87 43.16
CA ASN B 80 5.31 -20.35 42.91
C ASN B 80 5.36 -18.90 42.57
N VAL B 81 6.54 -18.31 42.66
CA VAL B 81 6.66 -16.90 42.26
C VAL B 81 6.60 -16.79 40.76
N LYS B 82 5.72 -15.94 40.25
CA LYS B 82 5.60 -15.76 38.77
C LYS B 82 6.61 -14.76 38.23
N ILE B 83 7.06 -15.01 37.02
CA ILE B 83 7.89 -14.11 36.27
C ILE B 83 7.31 -14.02 34.87
N PRO B 84 7.71 -13.00 34.10
CA PRO B 84 7.16 -12.93 32.74
C PRO B 84 7.39 -14.21 31.96
N ASN B 85 6.39 -14.61 31.19
CA ASN B 85 6.48 -15.74 30.29
C ASN B 85 6.15 -15.25 28.87
N ILE B 86 7.15 -15.20 28.02
CA ILE B 86 7.04 -14.47 26.79
C ILE B 86 6.21 -15.22 25.80
N GLU B 87 5.14 -14.58 25.31
CA GLU B 87 4.33 -15.19 24.27
C GLU B 87 4.50 -14.54 22.93
N TYR B 88 4.90 -13.28 22.92
CA TYR B 88 5.12 -12.57 21.65
C TYR B 88 6.49 -11.90 21.73
N SER B 89 7.30 -12.06 20.71
CA SER B 89 8.52 -11.29 20.67
C SER B 89 8.83 -10.92 19.23
N TYR B 90 9.39 -9.72 19.07
CA TYR B 90 9.99 -9.27 17.81
C TYR B 90 11.30 -8.56 18.16
N ILE B 91 12.42 -9.03 17.61
CA ILE B 91 13.71 -8.48 17.96
C ILE B 91 14.46 -8.05 16.72
N SER B 92 14.84 -6.78 16.67
CA SER B 92 15.68 -6.27 15.60
C SER B 92 16.52 -5.15 16.22
N ASP B 93 17.52 -4.68 15.48
CA ASP B 93 18.35 -3.59 16.01
C ASP B 93 17.55 -2.34 16.29
N GLU B 94 16.59 -2.09 15.41
CA GLU B 94 15.86 -0.84 15.49
CA GLU B 94 15.87 -0.84 15.47
C GLU B 94 14.63 -0.91 16.37
N LEU B 95 14.18 -2.11 16.71
CA LEU B 95 12.89 -2.27 17.43
C LEU B 95 12.85 -3.62 18.10
N SER B 96 12.53 -3.63 19.38
CA SER B 96 12.28 -4.85 20.08
C SER B 96 11.03 -4.76 20.89
N ILE B 97 10.26 -5.87 20.85
CA ILE B 97 9.02 -5.92 21.54
C ILE B 97 8.96 -7.27 22.25
N LEU B 98 8.59 -7.27 23.53
CA LEU B 98 8.29 -8.51 24.28
C LEU B 98 6.89 -8.39 24.84
N GLY B 99 6.06 -9.40 24.59
CA GLY B 99 4.72 -9.46 25.19
C GLY B 99 4.43 -10.71 26.08
N TYR B 100 3.76 -10.49 27.19
CA TYR B 100 3.51 -11.55 28.13
C TYR B 100 2.30 -11.13 28.95
N LYS B 101 1.64 -12.12 29.54
CA LYS B 101 0.45 -11.85 30.34
C LYS B 101 0.89 -11.15 31.59
N GLU B 102 0.16 -10.07 31.88
CA GLU B 102 0.42 -9.28 33.05
C GLU B 102 0.41 -10.14 34.29
N ILE B 103 1.44 -10.07 35.13
CA ILE B 103 1.38 -10.64 36.48
C ILE B 103 0.58 -9.72 37.37
N LYS B 104 -0.46 -10.25 38.01
CA LYS B 104 -1.36 -9.44 38.83
C LYS B 104 -0.88 -9.32 40.25
N GLY B 105 -1.10 -8.19 40.87
CA GLY B 105 -0.59 -7.95 42.23
C GLY B 105 -0.35 -6.47 42.46
N THR B 106 0.19 -6.15 43.62
CA THR B 106 0.53 -4.80 44.05
C THR B 106 2.03 -4.72 44.28
N PHE B 107 2.67 -3.69 43.69
CA PHE B 107 4.12 -3.53 43.87
C PHE B 107 4.50 -3.15 45.27
N LEU B 108 5.51 -3.82 45.79
CA LEU B 108 6.00 -3.54 47.15
C LEU B 108 6.56 -2.14 47.24
N THR B 109 6.16 -1.43 48.27
CA THR B 109 6.68 -0.09 48.60
C THR B 109 7.02 -0.04 50.09
N PRO B 110 7.89 0.90 50.49
CA PRO B 110 8.11 1.15 51.92
C PRO B 110 6.83 1.37 52.73
N GLU B 111 5.88 2.09 52.17
CA GLU B 111 4.63 2.36 52.86
C GLU B 111 3.87 1.06 53.13
N ILE B 112 3.68 0.27 52.09
CA ILE B 112 2.96 -1.00 52.21
C ILE B 112 3.66 -1.90 53.23
N TYR B 113 4.99 -1.97 53.16
CA TYR B 113 5.73 -2.83 54.08
C TYR B 113 5.43 -2.45 55.51
N SER B 114 5.37 -1.16 55.76
CA SER B 114 5.18 -0.69 57.11
C SER B 114 3.79 -1.03 57.62
N THR B 115 2.83 -1.28 56.74
CA THR B 115 1.48 -1.76 57.19
C THR B 115 1.41 -3.28 57.38
N MET B 116 2.43 -3.98 56.97
CA MET B 116 2.41 -5.42 57.14
C MET B 116 2.64 -5.77 58.57
N SER B 117 2.04 -6.86 59.03
CA SER B 117 2.28 -7.35 60.38
C SER B 117 3.69 -7.87 60.40
N GLU B 118 4.25 -7.95 61.58
CA GLU B 118 5.60 -8.54 61.73
C GLU B 118 5.76 -9.96 61.04
N GLU B 119 4.74 -10.79 61.18
CA GLU B 119 4.68 -12.13 60.55
C GLU B 119 4.69 -12.06 59.06
N GLU B 120 3.91 -11.14 58.51
CA GLU B 120 3.93 -10.91 57.05
C GLU B 120 5.27 -10.43 56.55
N GLN B 121 5.88 -9.52 57.29
CA GLN B 121 7.22 -9.08 56.90
C GLN B 121 8.24 -10.24 56.89
N ASN B 122 8.25 -11.06 57.94
CA ASN B 122 9.15 -12.22 58.03
CA ASN B 122 9.17 -12.18 58.02
C ASN B 122 8.93 -13.15 56.82
N LEU B 123 7.68 -13.42 56.48
CA LEU B 123 7.38 -14.31 55.37
C LEU B 123 7.94 -13.73 54.06
N LEU B 124 7.76 -12.44 53.86
CA LEU B 124 8.20 -11.81 52.68
C LEU B 124 9.73 -11.87 52.59
N LYS B 125 10.41 -11.64 53.71
CA LYS B 125 11.88 -11.76 53.71
C LYS B 125 12.33 -13.18 53.40
N ARG B 126 11.66 -14.16 54.01
CA ARG B 126 11.96 -15.56 53.69
C ARG B 126 11.69 -15.89 52.23
N ASP B 127 10.58 -15.39 51.70
CA ASP B 127 10.21 -15.67 50.32
C ASP B 127 11.30 -15.08 49.38
N ILE B 128 11.78 -13.89 49.68
CA ILE B 128 12.77 -13.26 48.80
C ILE B 128 14.06 -14.02 48.88
N ALA B 129 14.47 -14.37 50.09
CA ALA B 129 15.73 -15.10 50.25
C ALA B 129 15.68 -16.43 49.49
N SER B 130 14.56 -17.11 49.62
CA SER B 130 14.39 -18.39 49.00
C SER B 130 14.35 -18.31 47.45
N PHE B 131 13.70 -17.30 46.90
CA PHE B 131 13.75 -17.08 45.45
C PHE B 131 15.20 -16.84 44.97
N LEU B 132 15.90 -15.97 45.66
CA LEU B 132 17.24 -15.59 45.23
C LEU B 132 18.17 -16.79 45.37
N ARG B 133 17.98 -17.60 46.39
CA ARG B 133 18.84 -18.75 46.61
C ARG B 133 18.65 -19.73 45.48
N GLN B 134 17.41 -19.92 45.09
CA GLN B 134 17.13 -20.83 43.96
C GLN B 134 17.69 -20.29 42.65
N MET B 135 17.49 -19.02 42.36
CA MET B 135 17.96 -18.49 41.08
C MET B 135 19.48 -18.51 41.01
N HIS B 136 20.11 -18.09 42.10
CA HIS B 136 21.55 -18.04 42.15
C HIS B 136 22.18 -19.38 42.13
N GLY B 137 21.46 -20.44 42.50
CA GLY B 137 21.98 -21.81 42.48
C GLY B 137 21.80 -22.53 41.12
N LEU B 138 21.17 -21.92 40.13
CA LEU B 138 20.97 -22.60 38.89
C LEU B 138 22.27 -22.75 38.12
N ASP B 139 22.43 -23.92 37.48
CA ASP B 139 23.45 -24.19 36.48
C ASP B 139 23.10 -23.32 35.28
N TYR B 140 23.98 -22.37 34.94
CA TYR B 140 23.68 -21.37 33.90
C TYR B 140 24.35 -21.65 32.57
N THR B 141 24.77 -22.88 32.39
CA THR B 141 25.46 -23.30 31.16
C THR B 141 24.65 -22.97 29.90
N ASP B 142 23.33 -23.16 29.97
CA ASP B 142 22.49 -22.95 28.80
C ASP B 142 22.30 -21.45 28.39
N ILE B 143 22.64 -20.52 29.27
CA ILE B 143 22.67 -19.08 28.94
C ILE B 143 24.06 -18.48 29.18
N SER B 144 25.08 -19.25 28.90
CA SER B 144 26.44 -18.89 29.29
C SER B 144 26.97 -17.67 28.53
N GLU B 145 26.30 -17.29 27.46
CA GLU B 145 26.64 -16.06 26.75
C GLU B 145 26.22 -14.79 27.52
N CYS B 146 25.28 -14.91 28.47
CA CYS B 146 24.75 -13.74 29.18
C CYS B 146 25.57 -13.28 30.39
N THR B 147 26.90 -13.23 30.23
CA THR B 147 27.78 -12.71 31.27
C THR B 147 27.84 -11.20 31.28
N ILE B 148 28.03 -10.65 32.45
CA ILE B 148 28.16 -9.22 32.60
C ILE B 148 29.36 -9.01 33.47
N ASP B 149 30.27 -8.17 33.01
CA ASP B 149 31.48 -7.85 33.77
C ASP B 149 31.45 -6.37 34.12
N ASN B 150 31.01 -6.06 35.33
CA ASN B 150 30.83 -4.66 35.72
C ASN B 150 32.14 -3.84 35.72
N LYS B 151 33.20 -4.42 36.21
CA LYS B 151 34.48 -3.70 36.20
C LYS B 151 34.95 -3.32 34.80
N GLN B 152 34.88 -4.27 33.88
CA GLN B 152 35.27 -4.04 32.50
C GLN B 152 34.33 -3.00 31.87
N ASN B 153 33.05 -3.08 32.17
CA ASN B 153 32.09 -2.12 31.64
C ASN B 153 32.43 -0.72 32.06
N VAL B 154 32.77 -0.56 33.33
CA VAL B 154 33.14 0.74 33.83
C VAL B 154 34.43 1.24 33.16
N LEU B 155 35.38 0.34 32.98
CA LEU B 155 36.60 0.73 32.30
C LEU B 155 36.30 1.24 30.90
N GLU B 156 35.46 0.54 30.17
CA GLU B 156 35.06 1.01 28.85
C GLU B 156 34.33 2.38 28.86
N GLU B 157 33.55 2.62 29.88
CA GLU B 157 32.89 3.88 30.05
C GLU B 157 33.85 5.00 30.36
N TYR B 158 34.85 4.65 31.13
CA TYR B 158 35.89 5.61 31.47
C TYR B 158 36.69 6.01 30.25
N ILE B 159 37.01 5.06 29.41
CA ILE B 159 37.70 5.35 28.21
C ILE B 159 36.89 6.28 27.32
N LEU B 160 35.59 6.03 27.22
CA LEU B 160 34.71 6.87 26.45
C LEU B 160 34.71 8.33 27.00
N LEU B 161 34.73 8.48 28.30
CA LEU B 161 34.86 9.78 28.91
C LEU B 161 36.13 10.47 28.46
N ARG B 162 37.23 9.72 28.51
CA ARG B 162 38.53 10.24 28.10
C ARG B 162 38.51 10.68 26.66
N GLU B 163 37.75 9.99 25.82
CA GLU B 163 37.67 10.28 24.42
C GLU B 163 36.76 11.43 24.10
N THR B 164 35.96 11.87 25.05
CA THR B 164 34.94 12.84 24.74
C THR B 164 35.13 14.02 25.63
N ILE B 165 34.53 14.00 26.78
CA ILE B 165 34.48 15.28 27.54
C ILE B 165 35.42 15.44 28.75
N TYR B 166 36.16 14.43 29.07
CA TYR B 166 36.97 14.45 30.31
C TYR B 166 37.81 15.69 30.43
N ASN B 167 38.43 16.12 29.32
CA ASN B 167 39.36 17.26 29.41
C ASN B 167 38.69 18.57 29.73
N ASP B 168 37.38 18.65 29.49
CA ASP B 168 36.61 19.82 29.85
C ASP B 168 36.04 19.81 31.26
N LEU B 169 36.23 18.73 31.98
CA LEU B 169 35.64 18.65 33.31
C LEU B 169 36.44 19.50 34.29
N THR B 170 35.85 19.85 35.41
CA THR B 170 36.57 20.62 36.42
C THR B 170 37.47 19.71 37.22
N ASP B 171 38.41 20.32 37.96
CA ASP B 171 39.24 19.54 38.88
C ASP B 171 38.39 18.76 39.90
N ILE B 172 37.34 19.37 40.41
CA ILE B 172 36.43 18.67 41.33
C ILE B 172 35.79 17.43 40.68
N GLU B 173 35.39 17.53 39.42
CA GLU B 173 34.74 16.44 38.77
C GLU B 173 35.80 15.36 38.48
N LYS B 174 36.93 15.77 37.95
CA LYS B 174 38.04 14.85 37.67
C LYS B 174 38.49 14.13 38.92
N ASP B 175 38.60 14.81 40.04
CA ASP B 175 38.96 14.13 41.28
CA ASP B 175 38.94 14.15 41.31
C ASP B 175 37.89 13.10 41.75
N TYR B 176 36.60 13.41 41.58
CA TYR B 176 35.53 12.47 41.97
C TYR B 176 35.72 11.19 41.12
N ILE B 177 35.94 11.38 39.82
CA ILE B 177 36.10 10.28 38.89
C ILE B 177 37.34 9.43 39.19
N GLU B 178 38.46 10.08 39.32
CA GLU B 178 39.72 9.37 39.59
C GLU B 178 39.65 8.64 40.94
N SER B 179 39.06 9.26 41.94
CA SER B 179 38.96 8.62 43.22
CA SER B 179 38.92 8.60 43.24
C SER B 179 38.12 7.32 43.10
N PHE B 180 37.06 7.40 42.31
CA PHE B 180 36.22 6.23 42.05
C PHE B 180 37.07 5.15 41.30
N MET B 181 37.83 5.54 40.32
CA MET B 181 38.64 4.60 39.53
C MET B 181 39.70 3.93 40.39
N GLU B 182 40.27 4.65 41.32
CA GLU B 182 41.22 4.06 42.25
C GLU B 182 40.55 3.01 43.15
N ARG B 183 39.37 3.32 43.63
CA ARG B 183 38.69 2.39 44.49
C ARG B 183 38.32 1.14 43.66
N LEU B 184 37.89 1.32 42.44
CA LEU B 184 37.55 0.20 41.60
C LEU B 184 38.70 -0.74 41.40
N ASN B 185 39.88 -0.19 41.26
CA ASN B 185 41.07 -0.93 40.99
C ASN B 185 41.49 -1.66 42.21
N ALA B 186 41.17 -1.11 43.38
CA ALA B 186 41.67 -1.74 44.64
C ALA B 186 40.67 -2.71 45.20
N THR B 187 39.40 -2.58 44.88
CA THR B 187 38.39 -3.44 45.58
C THR B 187 38.54 -4.92 45.27
N THR B 188 38.15 -5.77 46.20
CA THR B 188 38.11 -7.20 45.99
C THR B 188 36.69 -7.69 45.75
N VAL B 189 35.70 -6.81 45.71
CA VAL B 189 34.31 -7.32 45.67
C VAL B 189 33.87 -7.98 44.37
N PHE B 190 34.68 -7.94 43.33
CA PHE B 190 34.36 -8.66 42.09
C PHE B 190 34.94 -10.08 42.04
N GLU B 191 35.51 -10.56 43.12
CA GLU B 191 36.29 -11.79 43.08
C GLU B 191 35.56 -12.92 43.72
N GLY B 192 34.27 -12.76 43.99
CA GLY B 192 33.52 -13.80 44.63
C GLY B 192 32.70 -14.61 43.60
N LYS B 193 31.71 -15.32 44.11
CA LYS B 193 30.82 -16.14 43.32
C LYS B 193 30.07 -15.34 42.22
N LYS B 194 30.07 -15.92 41.03
CA LYS B 194 29.30 -15.46 39.91
C LYS B 194 28.07 -16.38 39.73
N CYS B 195 26.92 -15.83 39.40
CA CYS B 195 25.73 -16.58 39.17
C CYS B 195 24.74 -15.78 38.42
N LEU B 196 23.64 -16.44 38.01
CA LEU B 196 22.58 -15.68 37.35
C LEU B 196 21.90 -14.80 38.39
N CYS B 197 21.90 -13.49 38.16
CA CYS B 197 21.22 -12.50 39.00
C CYS B 197 20.20 -11.76 38.26
N HIS B 198 19.19 -11.36 38.99
CA HIS B 198 18.19 -10.45 38.46
C HIS B 198 18.81 -9.13 38.01
N ASN B 199 19.58 -8.59 38.90
CA ASN B 199 20.47 -7.44 38.63
C ASN B 199 19.74 -6.10 38.51
N ASP B 200 18.49 -6.04 38.93
CA ASP B 200 17.83 -4.76 39.12
C ASP B 200 16.77 -4.95 40.18
N PHE B 201 17.21 -5.49 41.31
CA PHE B 201 16.29 -6.17 42.23
C PHE B 201 15.82 -5.21 43.35
N SER B 202 15.02 -4.26 42.93
CA SER B 202 14.45 -3.26 43.78
C SER B 202 12.99 -3.55 44.08
N CYS B 203 12.44 -2.88 45.08
CA CYS B 203 11.10 -3.27 45.48
C CYS B 203 10.01 -2.89 44.45
N ASN B 204 10.27 -1.95 43.56
CA ASN B 204 9.31 -1.72 42.47
C ASN B 204 9.22 -2.84 41.39
N HIS B 205 10.00 -3.90 41.54
CA HIS B 205 9.87 -5.02 40.69
C HIS B 205 9.32 -6.22 41.41
N LEU B 206 8.87 -6.04 42.64
CA LEU B 206 8.36 -7.16 43.44
C LEU B 206 6.86 -7.01 43.65
N LEU B 207 6.08 -8.05 43.29
CA LEU B 207 4.66 -7.96 43.37
C LEU B 207 4.16 -8.79 44.57
N LEU B 208 3.19 -8.23 45.26
CA LEU B 208 2.52 -8.92 46.34
C LEU B 208 1.11 -9.29 45.98
N ASP B 209 0.66 -10.45 46.47
CA ASP B 209 -0.75 -10.84 46.32
C ASP B 209 -1.58 -10.19 47.40
N GLY B 210 -2.88 -10.54 47.44
CA GLY B 210 -3.83 -10.00 48.41
C GLY B 210 -3.58 -10.38 49.85
N ASN B 211 -2.70 -11.36 50.08
CA ASN B 211 -2.25 -11.75 51.42
C ASN B 211 -0.82 -11.24 51.75
N ASN B 212 -0.32 -10.31 50.93
CA ASN B 212 1.02 -9.72 51.14
C ASN B 212 2.15 -10.70 51.08
N ARG B 213 1.96 -11.77 50.30
CA ARG B 213 3.03 -12.68 49.93
C ARG B 213 3.59 -12.29 48.60
N LEU B 214 4.87 -12.60 48.39
CA LEU B 214 5.53 -12.39 47.17
C LEU B 214 4.89 -13.30 46.13
N THR B 215 4.41 -12.72 45.06
CA THR B 215 3.67 -13.46 44.05
C THR B 215 4.27 -13.33 42.69
N GLY B 216 5.10 -12.30 42.48
CA GLY B 216 5.71 -12.11 41.15
C GLY B 216 6.91 -11.18 41.20
N ILE B 217 7.79 -11.35 40.22
CA ILE B 217 9.00 -10.56 40.03
C ILE B 217 9.06 -10.25 38.56
N ILE B 218 9.21 -8.96 38.22
CA ILE B 218 9.30 -8.53 36.84
C ILE B 218 10.64 -7.93 36.53
N ASP B 219 10.79 -7.57 35.29
CA ASP B 219 11.92 -6.83 34.75
C ASP B 219 13.27 -7.47 35.03
N PHE B 220 13.52 -8.53 34.29
CA PHE B 220 14.84 -9.16 34.25
C PHE B 220 15.63 -8.59 33.06
N GLY B 221 15.32 -7.35 32.68
CA GLY B 221 16.00 -6.67 31.57
C GLY B 221 17.47 -6.33 31.70
N ASP B 222 18.00 -6.39 32.90
CA ASP B 222 19.46 -6.24 33.08
C ASP B 222 20.10 -7.51 33.62
N SER B 223 19.33 -8.56 33.68
CA SER B 223 19.76 -9.84 34.24
CA SER B 223 19.76 -9.82 34.25
C SER B 223 20.91 -10.47 33.48
N GLY B 224 21.73 -11.21 34.20
CA GLY B 224 22.82 -11.90 33.62
C GLY B 224 23.64 -12.58 34.65
N ILE B 225 24.72 -13.18 34.17
CA ILE B 225 25.64 -13.89 35.02
C ILE B 225 26.68 -12.90 35.51
N ILE B 226 26.73 -12.73 36.81
CA ILE B 226 27.39 -11.55 37.39
C ILE B 226 27.64 -11.85 38.87
N ASP B 227 28.25 -10.94 39.60
CA ASP B 227 28.48 -11.16 41.01
C ASP B 227 27.16 -11.40 41.82
N GLU B 228 27.17 -12.43 42.62
CA GLU B 228 26.13 -12.76 43.57
C GLU B 228 25.68 -11.52 44.40
N TYR B 229 26.62 -10.66 44.75
CA TYR B 229 26.30 -9.43 45.50
C TYR B 229 25.33 -8.50 44.85
N CYS B 230 25.21 -8.59 43.54
CA CYS B 230 24.38 -7.67 42.73
C CYS B 230 22.93 -7.64 43.17
N ASP B 231 22.37 -8.77 43.55
CA ASP B 231 20.97 -8.83 43.85
C ASP B 231 20.64 -8.33 45.24
N PHE B 232 21.63 -7.86 45.98
CA PHE B 232 21.41 -7.20 47.28
C PHE B 232 21.59 -5.70 47.34
N ILE B 233 21.92 -5.10 46.23
CA ILE B 233 22.23 -3.70 46.15
C ILE B 233 21.08 -2.79 46.58
N TYR B 234 19.89 -3.09 46.12
CA TYR B 234 18.70 -2.29 46.49
C TYR B 234 18.12 -2.73 47.82
N LEU B 235 18.20 -4.01 48.10
CA LEU B 235 17.75 -4.51 49.44
C LEU B 235 18.54 -3.90 50.55
N LEU B 236 19.80 -3.54 50.27
CA LEU B 236 20.63 -2.83 51.21
C LEU B 236 20.53 -1.29 51.21
N GLU B 237 19.72 -0.71 50.34
CA GLU B 237 19.75 0.74 50.16
C GLU B 237 18.87 1.44 51.22
N ASP B 238 19.42 2.49 51.78
CA ASP B 238 18.68 3.38 52.66
C ASP B 238 18.23 4.63 51.84
N SER B 239 16.98 4.64 51.41
CA SER B 239 16.42 5.75 50.63
C SER B 239 14.91 5.72 50.77
N GLU B 240 14.27 6.71 50.23
CA GLU B 240 12.83 6.83 50.25
C GLU B 240 12.16 5.79 49.38
N GLU B 241 12.85 5.30 48.36
CA GLU B 241 12.27 4.31 47.45
C GLU B 241 12.36 2.86 47.96
N GLU B 242 13.34 2.56 48.82
CA GLU B 242 13.59 1.14 49.23
C GLU B 242 13.28 0.98 50.72
N ILE B 243 13.13 -0.25 51.15
CA ILE B 243 12.64 -0.52 52.50
CA ILE B 243 12.62 -0.55 52.49
C ILE B 243 13.65 -0.17 53.54
N GLY B 244 14.90 -0.52 53.31
CA GLY B 244 15.93 -0.12 54.27
C GLY B 244 17.00 -1.14 54.45
N THR B 245 18.11 -0.69 54.97
CA THR B 245 19.30 -1.53 55.13
C THR B 245 19.07 -2.78 56.03
N ASN B 246 18.24 -2.65 57.05
CA ASN B 246 17.94 -3.78 57.99
CA ASN B 246 17.92 -3.76 57.99
C ASN B 246 17.12 -4.87 57.34
N PHE B 247 16.29 -4.47 56.40
CA PHE B 247 15.53 -5.40 55.56
C PHE B 247 16.50 -6.27 54.75
N GLY B 248 17.44 -5.63 54.06
CA GLY B 248 18.45 -6.36 53.24
C GLY B 248 19.35 -7.23 54.13
N GLU B 249 19.72 -6.71 55.27
CA GLU B 249 20.56 -7.44 56.19
C GLU B 249 19.87 -8.71 56.67
N ASP B 250 18.60 -8.61 57.02
CA ASP B 250 17.86 -9.78 57.49
C ASP B 250 17.74 -10.80 56.33
N ILE B 251 17.46 -10.32 55.13
CA ILE B 251 17.36 -11.19 54.01
C ILE B 251 18.70 -11.89 53.75
N LEU B 252 19.79 -11.15 53.86
CA LEU B 252 21.10 -11.72 53.66
C LEU B 252 21.39 -12.82 54.72
N ARG B 253 20.99 -12.60 55.94
CA ARG B 253 21.13 -13.62 56.98
C ARG B 253 20.29 -14.86 56.67
N MET B 254 19.07 -14.69 56.20
CA MET B 254 18.20 -15.82 55.84
C MET B 254 18.75 -16.54 54.63
N TYR B 255 19.33 -15.78 53.69
CA TYR B 255 19.90 -16.38 52.48
C TYR B 255 21.11 -17.27 52.83
N GLY B 256 21.98 -16.75 53.68
CA GLY B 256 23.13 -17.46 54.26
C GLY B 256 24.33 -17.53 53.35
N ASN B 257 25.48 -17.82 53.93
CA ASN B 257 26.71 -18.05 53.22
C ASN B 257 27.09 -16.95 52.27
N ILE B 258 27.09 -15.72 52.78
CA ILE B 258 27.52 -14.60 51.98
C ILE B 258 28.04 -13.53 52.89
N ASP B 259 29.09 -12.86 52.44
CA ASP B 259 29.79 -11.89 53.24
C ASP B 259 29.02 -10.57 53.17
N ILE B 260 28.36 -10.24 54.27
CA ILE B 260 27.48 -9.07 54.33
C ILE B 260 28.26 -7.78 54.14
N GLU B 261 29.45 -7.70 54.69
CA GLU B 261 30.28 -6.51 54.56
C GLU B 261 30.70 -6.26 53.12
N LYS B 262 30.97 -7.33 52.39
CA LYS B 262 31.25 -7.19 50.95
C LYS B 262 30.04 -6.85 50.15
N ALA B 263 28.90 -7.42 50.49
CA ALA B 263 27.64 -7.01 49.85
C ALA B 263 27.42 -5.52 50.02
N LYS B 264 27.73 -5.00 51.21
CA LYS B 264 27.58 -3.55 51.43
C LYS B 264 28.62 -2.75 50.70
N GLU B 265 29.85 -3.25 50.64
CA GLU B 265 30.88 -2.56 49.86
C GLU B 265 30.45 -2.45 48.41
N TYR B 266 29.92 -3.53 47.89
CA TYR B 266 29.49 -3.56 46.46
C TYR B 266 28.38 -2.50 46.25
N GLN B 267 27.40 -2.49 47.13
CA GLN B 267 26.36 -1.46 47.03
C GLN B 267 26.94 -0.06 47.06
N ASP B 268 27.90 0.16 47.95
CA ASP B 268 28.46 1.50 48.14
C ASP B 268 29.23 1.96 46.85
N ILE B 269 29.92 1.04 46.24
CA ILE B 269 30.67 1.31 45.01
C ILE B 269 29.67 1.65 43.88
N VAL B 270 28.59 0.88 43.77
CA VAL B 270 27.60 1.18 42.75
C VAL B 270 26.99 2.55 42.99
N GLU B 271 26.73 2.87 44.26
CA GLU B 271 26.13 4.17 44.56
C GLU B 271 27.11 5.34 44.21
N GLU B 272 28.37 5.16 44.52
CA GLU B 272 29.40 6.15 44.14
C GLU B 272 29.49 6.36 42.62
N TYR B 273 29.31 5.30 41.85
CA TYR B 273 29.36 5.37 40.40
C TYR B 273 28.22 6.16 39.76
N TYR B 274 27.10 6.24 40.46
CA TYR B 274 25.89 6.83 39.88
C TYR B 274 26.00 8.12 39.05
N PRO B 275 26.61 9.16 39.57
CA PRO B 275 26.78 10.37 38.80
C PRO B 275 27.55 10.15 37.50
N ILE B 276 28.52 9.25 37.55
CA ILE B 276 29.39 8.98 36.39
C ILE B 276 28.58 8.20 35.34
N GLU B 277 27.82 7.22 35.83
CA GLU B 277 26.88 6.49 35.03
C GLU B 277 25.95 7.47 34.28
N THR B 278 25.52 8.52 34.98
CA THR B 278 24.57 9.45 34.47
C THR B 278 25.21 10.29 33.34
N ILE B 279 26.44 10.74 33.57
CA ILE B 279 27.19 11.47 32.58
C ILE B 279 27.38 10.61 31.33
N VAL B 280 27.81 9.39 31.54
CA VAL B 280 28.06 8.47 30.45
C VAL B 280 26.79 8.23 29.62
N TYR B 281 25.66 8.05 30.30
CA TYR B 281 24.40 7.86 29.60
C TYR B 281 24.15 9.05 28.69
N GLY B 282 24.46 10.24 29.18
CA GLY B 282 24.24 11.47 28.40
C GLY B 282 25.13 11.57 27.19
N ILE B 283 26.38 11.15 27.36
CA ILE B 283 27.30 11.15 26.25
C ILE B 283 26.83 10.17 25.18
N LYS B 284 26.59 8.93 25.59
CA LYS B 284 26.26 7.87 24.59
C LYS B 284 24.95 8.15 23.85
N ASN B 285 24.02 8.80 24.53
CA ASN B 285 22.69 9.07 23.98
C ASN B 285 22.52 10.50 23.51
N ILE B 286 23.61 11.25 23.53
CA ILE B 286 23.61 12.63 23.05
C ILE B 286 22.48 13.38 23.76
N LYS B 287 22.50 13.32 25.08
CA LYS B 287 21.48 14.01 25.92
C LYS B 287 22.15 14.87 26.96
N GLN B 288 22.33 16.12 26.60
CA GLN B 288 23.15 17.04 27.36
C GLN B 288 22.64 17.17 28.78
N GLU B 289 21.33 17.06 28.98
CA GLU B 289 20.76 17.28 30.32
C GLU B 289 21.31 16.25 31.30
N PHE B 290 21.59 15.04 30.83
CA PHE B 290 22.14 14.00 31.71
C PHE B 290 23.62 14.26 32.05
N ILE B 291 24.35 14.83 31.11
CA ILE B 291 25.73 15.21 31.37
C ILE B 291 25.74 16.28 32.49
N GLU B 292 24.89 17.30 32.31
CA GLU B 292 24.75 18.38 33.27
C GLU B 292 24.29 17.84 34.64
N ASN B 293 23.29 16.97 34.64
CA ASN B 293 22.75 16.46 35.91
C ASN B 293 23.79 15.67 36.68
N GLY B 294 24.55 14.81 36.01
CA GLY B 294 25.52 14.02 36.71
C GLY B 294 26.66 14.90 37.26
N ARG B 295 27.07 15.89 36.47
CA ARG B 295 28.13 16.79 36.91
C ARG B 295 27.69 17.58 38.17
N LYS B 296 26.45 18.07 38.13
CA LYS B 296 25.86 18.83 39.25
C LYS B 296 25.81 17.89 40.46
N GLU B 297 25.45 16.63 40.26
CA GLU B 297 25.36 15.68 41.38
C GLU B 297 26.76 15.45 42.04
N ILE B 298 27.79 15.49 41.23
CA ILE B 298 29.15 15.40 41.75
C ILE B 298 29.42 16.55 42.73
N TYR B 299 29.06 17.78 42.34
CA TYR B 299 29.15 18.93 43.26
C TYR B 299 28.28 18.73 44.52
N LYS B 300 27.04 18.25 44.36
CA LYS B 300 26.21 18.03 45.52
C LYS B 300 26.83 17.04 46.53
N ARG B 301 27.36 15.94 46.02
CA ARG B 301 28.00 14.95 46.89
C ARG B 301 29.29 15.47 47.51
N THR B 302 30.05 16.25 46.74
CA THR B 302 31.32 16.79 47.25
C THR B 302 31.12 17.79 48.38
N TYR B 303 30.04 18.55 48.31
CA TYR B 303 29.71 19.52 49.39
C TYR B 303 28.85 19.00 50.54
N LYS B 304 28.37 17.77 50.48
CA LYS B 304 27.56 17.17 51.59
C LYS B 304 28.52 16.74 52.69
N ASP B 305 28.07 16.73 53.95
CA ASP B 305 28.83 16.06 55.02
C ASP B 305 28.59 14.53 55.03
N ASN C 8 -7.46 -14.30 -22.94
CA ASN C 8 -6.73 -15.19 -21.98
C ASN C 8 -6.91 -14.67 -20.53
N ALA C 9 -6.33 -15.38 -19.57
CA ALA C 9 -6.49 -15.06 -18.14
C ALA C 9 -6.05 -13.65 -17.73
N THR C 10 -4.89 -13.22 -18.22
CA THR C 10 -4.15 -12.15 -17.53
C THR C 10 -4.72 -10.72 -17.60
N ASN C 11 -5.17 -10.34 -18.80
CA ASN C 11 -5.69 -8.98 -19.05
C ASN C 11 -6.95 -8.74 -18.29
N VAL C 12 -7.78 -9.75 -18.30
CA VAL C 12 -9.01 -9.75 -17.60
C VAL C 12 -8.79 -9.55 -16.09
N LYS C 13 -7.80 -10.24 -15.54
CA LYS C 13 -7.55 -10.17 -14.10
C LYS C 13 -7.14 -8.76 -13.70
N ALA C 14 -6.26 -8.20 -14.48
CA ALA C 14 -5.80 -6.83 -14.24
C ALA C 14 -6.93 -5.84 -14.30
N MET C 15 -7.77 -5.98 -15.32
CA MET C 15 -8.84 -5.04 -15.53
C MET C 15 -9.95 -5.24 -14.47
N LYS C 16 -10.14 -6.49 -14.05
CA LYS C 16 -11.04 -6.73 -12.90
C LYS C 16 -10.54 -5.96 -11.70
N TYR C 17 -9.25 -6.09 -11.44
CA TYR C 17 -8.67 -5.39 -10.32
C TYR C 17 -8.88 -3.87 -10.40
N LEU C 18 -8.64 -3.32 -11.58
CA LEU C 18 -8.73 -1.85 -11.78
C LEU C 18 -10.14 -1.32 -11.64
N ILE C 19 -11.08 -2.08 -12.17
CA ILE C 19 -12.50 -1.74 -12.03
C ILE C 19 -12.91 -1.69 -10.56
N GLU C 20 -12.53 -2.75 -9.83
CA GLU C 20 -12.89 -2.82 -8.40
C GLU C 20 -12.16 -1.77 -7.57
N HIS C 21 -11.00 -1.38 -8.05
CA HIS C 21 -10.19 -0.40 -7.32
C HIS C 21 -10.75 1.02 -7.51
N TYR C 22 -11.11 1.36 -8.75
CA TYR C 22 -11.55 2.73 -9.04
C TYR C 22 -13.05 2.97 -8.79
N PHE C 23 -13.82 1.88 -8.77
CA PHE C 23 -15.28 1.92 -8.54
C PHE C 23 -15.65 1.14 -7.29
N ASP C 24 -15.75 1.88 -6.20
CA ASP C 24 -16.09 1.37 -4.85
C ASP C 24 -17.35 0.52 -4.81
N ASN C 25 -17.22 -0.64 -4.20
CA ASN C 25 -18.38 -1.55 -4.10
C ASN C 25 -18.98 -1.88 -5.48
N PHE C 26 -18.19 -1.78 -6.54
CA PHE C 26 -18.52 -2.52 -7.75
C PHE C 26 -17.85 -3.87 -7.67
N LYS C 27 -18.63 -4.94 -7.76
CA LYS C 27 -18.09 -6.30 -7.62
C LYS C 27 -18.13 -7.03 -8.94
N VAL C 28 -16.98 -7.52 -9.39
CA VAL C 28 -16.85 -8.20 -10.67
C VAL C 28 -16.98 -9.69 -10.44
N ASP C 29 -18.08 -10.25 -10.85
CA ASP C 29 -18.32 -11.68 -10.74
C ASP C 29 -17.90 -12.40 -12.03
N SER C 30 -18.05 -11.73 -13.16
CA SER C 30 -17.57 -12.28 -14.43
C SER C 30 -17.06 -11.14 -15.30
N ILE C 31 -16.11 -11.47 -16.14
CA ILE C 31 -15.49 -10.48 -17.02
C ILE C 31 -14.86 -11.18 -18.23
N GLU C 32 -15.22 -10.72 -19.42
CA GLU C 32 -14.61 -11.21 -20.64
C GLU C 32 -14.36 -10.09 -21.65
N ILE C 33 -13.37 -10.28 -22.48
CA ILE C 33 -13.05 -9.37 -23.55
C ILE C 33 -14.11 -9.51 -24.66
N ILE C 34 -14.75 -8.41 -25.01
CA ILE C 34 -15.83 -8.42 -25.99
C ILE C 34 -15.47 -7.63 -27.24
N GLY C 35 -14.41 -6.84 -27.14
CA GLY C 35 -13.80 -6.19 -28.29
C GLY C 35 -12.50 -5.49 -27.98
N SER C 36 -11.84 -5.06 -29.04
CA SER C 36 -10.64 -4.28 -28.88
C SER C 36 -10.35 -3.41 -30.13
N GLY C 37 -9.49 -2.44 -29.92
CA GLY C 37 -8.91 -1.62 -30.98
C GLY C 37 -7.41 -1.66 -30.85
N TYR C 38 -6.74 -0.78 -31.56
CA TYR C 38 -5.29 -0.76 -31.49
C TYR C 38 -4.82 -0.10 -30.21
N ASP C 39 -5.69 0.70 -29.61
CA ASP C 39 -5.35 1.46 -28.44
C ASP C 39 -6.26 1.12 -27.26
N SER C 40 -7.13 0.15 -27.38
CA SER C 40 -8.19 0.01 -26.38
C SER C 40 -8.69 -1.41 -26.24
N VAL C 41 -9.37 -1.66 -25.13
CA VAL C 41 -10.05 -2.94 -24.94
C VAL C 41 -11.39 -2.75 -24.25
N ALA C 42 -12.37 -3.47 -24.72
CA ALA C 42 -13.71 -3.39 -24.15
C ALA C 42 -14.07 -4.75 -23.51
N TYR C 43 -14.69 -4.69 -22.34
CA TYR C 43 -15.03 -5.90 -21.55
C TYR C 43 -16.48 -5.97 -21.23
N LEU C 44 -17.01 -7.20 -21.19
CA LEU C 44 -18.36 -7.44 -20.69
C LEU C 44 -18.25 -7.98 -19.31
N VAL C 45 -18.83 -7.23 -18.37
CA VAL C 45 -18.71 -7.50 -16.93
C VAL C 45 -20.08 -7.87 -16.34
N ASN C 46 -20.12 -9.00 -15.63
CA ASN C 46 -21.35 -9.55 -14.98
C ASN C 46 -22.50 -9.77 -15.95
N ASN C 47 -22.13 -10.03 -17.21
CA ASN C 47 -23.08 -10.13 -18.31
C ASN C 47 -24.08 -8.97 -18.41
N GLU C 48 -23.65 -7.79 -18.00
CA GLU C 48 -24.58 -6.67 -17.81
C GLU C 48 -23.95 -5.33 -18.17
N TYR C 49 -22.66 -5.17 -17.87
CA TYR C 49 -21.98 -3.91 -18.10
C TYR C 49 -20.88 -3.98 -19.15
N ILE C 50 -20.81 -2.94 -19.98
CA ILE C 50 -19.65 -2.75 -20.85
C ILE C 50 -18.72 -1.83 -20.12
N PHE C 51 -17.46 -2.21 -20.11
CA PHE C 51 -16.39 -1.32 -19.67
C PHE C 51 -15.40 -1.12 -20.80
N LYS C 52 -15.33 0.12 -21.32
CA LYS C 52 -14.36 0.50 -22.35
C LYS C 52 -13.16 1.02 -21.66
N THR C 53 -11.97 0.64 -22.08
CA THR C 53 -10.76 1.01 -21.36
C THR C 53 -9.62 1.33 -22.30
N LYS C 54 -8.79 2.27 -21.88
CA LYS C 54 -7.54 2.56 -22.60
C LYS C 54 -6.49 3.10 -21.65
N PHE C 55 -5.24 2.81 -21.98
CA PHE C 55 -4.06 3.35 -21.29
C PHE C 55 -3.48 4.59 -22.04
N SER C 56 -2.22 4.97 -21.85
CA SER C 56 -1.70 6.21 -22.50
C SER C 56 -1.99 6.18 -24.04
N THR C 57 -2.81 7.10 -24.57
CA THR C 57 -3.19 7.13 -26.02
C THR C 57 -2.34 8.11 -26.85
N LYS C 60 -5.53 11.82 -26.53
CA LYS C 60 -5.57 12.85 -25.46
C LYS C 60 -6.98 13.44 -25.14
N LYS C 61 -7.43 13.28 -23.88
CA LYS C 61 -8.79 13.68 -23.37
C LYS C 61 -9.98 13.10 -24.22
N GLY C 62 -9.72 11.92 -24.76
CA GLY C 62 -10.65 11.22 -25.65
C GLY C 62 -11.94 10.74 -24.98
N TYR C 63 -11.76 10.00 -23.87
CA TYR C 63 -12.91 9.52 -23.13
C TYR C 63 -13.69 10.66 -22.49
N ALA C 64 -13.03 11.77 -22.22
CA ALA C 64 -13.73 12.90 -21.64
C ALA C 64 -14.80 13.38 -22.58
N LYS C 65 -14.44 13.58 -23.85
CA LYS C 65 -15.40 14.08 -24.86
C LYS C 65 -16.52 13.09 -25.12
N GLU C 66 -16.14 11.83 -25.24
CA GLU C 66 -17.09 10.79 -25.50
C GLU C 66 -18.18 10.77 -24.41
N LYS C 67 -17.70 10.84 -23.16
CA LYS C 67 -18.58 10.91 -22.01
C LYS C 67 -19.46 12.18 -22.07
N ALA C 68 -18.88 13.32 -22.38
CA ALA C 68 -19.68 14.54 -22.54
C ALA C 68 -20.77 14.41 -23.60
N ILE C 69 -20.47 13.69 -24.66
CA ILE C 69 -21.44 13.52 -25.71
C ILE C 69 -22.57 12.58 -25.28
N TYR C 70 -22.22 11.48 -24.61
CA TYR C 70 -23.26 10.57 -24.11
C TYR C 70 -24.23 11.37 -23.17
N ASN C 71 -23.66 12.18 -22.29
CA ASN C 71 -24.46 12.98 -21.38
CA ASN C 71 -24.45 13.01 -21.38
C ASN C 71 -25.37 13.97 -22.15
N PHE C 72 -24.80 14.67 -23.14
CA PHE C 72 -25.56 15.57 -23.92
C PHE C 72 -26.70 14.86 -24.64
N LEU C 73 -26.40 13.70 -25.16
CA LEU C 73 -27.41 13.00 -25.94
C LEU C 73 -28.51 12.42 -25.05
N ASN C 74 -28.12 11.90 -23.91
CA ASN C 74 -29.09 11.26 -23.02
C ASN C 74 -30.02 12.33 -22.46
N THR C 75 -29.52 13.54 -22.30
CA THR C 75 -30.33 14.67 -21.87
C THR C 75 -31.26 15.14 -22.99
N ASN C 76 -30.78 15.18 -24.25
CA ASN C 76 -31.50 15.93 -25.29
C ASN C 76 -32.21 15.11 -26.36
N LEU C 77 -31.83 13.88 -26.57
CA LEU C 77 -32.56 13.05 -27.56
C LEU C 77 -33.90 12.58 -27.02
N GLU C 78 -34.91 12.57 -27.87
CA GLU C 78 -36.10 11.81 -27.54
C GLU C 78 -36.18 10.66 -28.54
N THR C 79 -35.92 9.43 -28.09
CA THR C 79 -35.90 8.31 -29.03
C THR C 79 -36.09 7.04 -28.24
N ASN C 80 -36.58 5.97 -28.87
CA ASN C 80 -36.54 4.66 -28.20
C ASN C 80 -35.26 3.91 -28.49
N VAL C 81 -34.44 4.44 -29.39
CA VAL C 81 -33.16 3.82 -29.66
C VAL C 81 -32.20 4.08 -28.49
N LYS C 82 -31.64 3.02 -27.93
CA LYS C 82 -30.73 3.16 -26.79
C LYS C 82 -29.32 3.52 -27.20
N ILE C 83 -28.66 4.33 -26.40
CA ILE C 83 -27.27 4.65 -26.52
C ILE C 83 -26.60 4.45 -25.15
N PRO C 84 -25.26 4.31 -25.13
CA PRO C 84 -24.63 4.20 -23.83
C PRO C 84 -24.98 5.31 -22.86
N ASN C 85 -25.20 4.92 -21.63
CA ASN C 85 -25.49 5.87 -20.55
C ASN C 85 -24.49 5.63 -19.45
N ILE C 86 -23.58 6.58 -19.28
CA ILE C 86 -22.40 6.30 -18.51
C ILE C 86 -22.71 6.30 -17.02
N GLU C 87 -22.41 5.19 -16.35
CA GLU C 87 -22.58 5.14 -14.89
C GLU C 87 -21.27 5.20 -14.15
N TYR C 88 -20.18 4.80 -14.77
CA TYR C 88 -18.89 4.76 -14.10
C TYR C 88 -17.87 5.35 -15.04
N SER C 89 -17.03 6.20 -14.54
CA SER C 89 -15.99 6.75 -15.36
C SER C 89 -14.82 7.06 -14.49
N TYR C 90 -13.65 6.85 -15.06
CA TYR C 90 -12.39 7.28 -14.50
C TYR C 90 -11.53 7.77 -15.67
N ILE C 91 -11.09 9.00 -15.60
CA ILE C 91 -10.30 9.61 -16.67
C ILE C 91 -8.95 10.11 -16.08
N SER C 92 -7.83 9.71 -16.71
CA SER C 92 -6.48 10.22 -16.47
C SER C 92 -5.65 10.02 -17.73
N ASP C 93 -4.46 10.62 -17.78
CA ASP C 93 -3.56 10.44 -18.96
C ASP C 93 -3.20 8.99 -19.21
N GLU C 94 -2.92 8.31 -18.11
CA GLU C 94 -2.41 6.96 -18.20
C GLU C 94 -3.52 5.91 -18.27
N LEU C 95 -4.76 6.27 -17.95
CA LEU C 95 -5.85 5.30 -17.87
C LEU C 95 -7.20 5.94 -17.94
N SER C 96 -8.03 5.46 -18.83
CA SER C 96 -9.43 5.91 -18.89
C SER C 96 -10.34 4.72 -18.99
N ILE C 97 -11.43 4.78 -18.25
CA ILE C 97 -12.43 3.75 -18.24
C ILE C 97 -13.83 4.39 -18.32
N LEU C 98 -14.70 3.88 -19.19
CA LEU C 98 -16.12 4.24 -19.21
C LEU C 98 -16.92 2.98 -19.02
N GLY C 99 -17.82 2.99 -18.06
CA GLY C 99 -18.76 1.86 -17.91
C GLY C 99 -20.25 2.22 -18.03
N TYR C 100 -20.99 1.32 -18.65
CA TYR C 100 -22.41 1.53 -18.89
C TYR C 100 -23.06 0.19 -19.09
N LYS C 101 -24.36 0.15 -18.92
CA LYS C 101 -25.10 -1.09 -19.12
C LYS C 101 -25.10 -1.47 -20.58
N GLU C 102 -24.79 -2.74 -20.83
CA GLU C 102 -24.74 -3.32 -22.15
C GLU C 102 -26.08 -3.16 -22.78
N ILE C 103 -26.09 -2.56 -23.95
CA ILE C 103 -27.32 -2.57 -24.73
C ILE C 103 -27.39 -3.93 -25.36
N LYS C 104 -28.51 -4.62 -25.15
CA LYS C 104 -28.69 -5.99 -25.63
C LYS C 104 -29.18 -6.02 -27.06
N GLY C 105 -28.71 -7.01 -27.82
CA GLY C 105 -29.08 -7.08 -29.19
C GLY C 105 -28.00 -7.80 -30.01
N THR C 106 -28.21 -7.79 -31.31
CA THR C 106 -27.35 -8.44 -32.33
C THR C 106 -26.89 -7.34 -33.30
N PHE C 107 -25.58 -7.26 -33.51
CA PHE C 107 -25.06 -6.25 -34.41
C PHE C 107 -25.50 -6.53 -35.84
N LEU C 108 -25.89 -5.49 -36.53
CA LEU C 108 -26.30 -5.60 -37.91
C LEU C 108 -25.11 -6.01 -38.74
N THR C 109 -25.35 -6.97 -39.63
CA THR C 109 -24.36 -7.37 -40.65
C THR C 109 -25.06 -7.55 -42.00
N PRO C 110 -24.27 -7.56 -43.08
CA PRO C 110 -24.81 -7.86 -44.39
C PRO C 110 -25.56 -9.18 -44.48
N GLU C 111 -25.06 -10.23 -43.84
CA GLU C 111 -25.73 -11.52 -43.86
C GLU C 111 -27.11 -11.43 -43.21
N ILE C 112 -27.16 -10.84 -42.01
CA ILE C 112 -28.41 -10.70 -41.30
C ILE C 112 -29.42 -9.89 -42.14
N TYR C 113 -28.96 -8.77 -42.70
CA TYR C 113 -29.83 -7.91 -43.48
C TYR C 113 -30.47 -8.67 -44.63
N SER C 114 -29.69 -9.53 -45.26
CA SER C 114 -30.20 -10.32 -46.36
C SER C 114 -31.25 -11.35 -45.94
N THR C 115 -31.31 -11.76 -44.67
CA THR C 115 -32.38 -12.63 -44.19
C THR C 115 -33.63 -11.84 -43.72
N MET C 116 -33.53 -10.52 -43.63
CA MET C 116 -34.72 -9.75 -43.20
C MET C 116 -35.76 -9.71 -44.32
N SER C 117 -37.05 -9.68 -43.95
CA SER C 117 -38.11 -9.45 -44.95
C SER C 117 -37.97 -8.03 -45.46
N GLU C 118 -38.56 -7.80 -46.60
CA GLU C 118 -38.61 -6.45 -47.16
C GLU C 118 -39.15 -5.38 -46.16
N GLU C 119 -40.19 -5.75 -45.42
CA GLU C 119 -40.82 -4.87 -44.41
C GLU C 119 -39.82 -4.54 -43.29
N GLU C 120 -39.13 -5.56 -42.81
CA GLU C 120 -38.11 -5.37 -41.80
C GLU C 120 -36.98 -4.47 -42.30
N GLN C 121 -36.56 -4.66 -43.54
CA GLN C 121 -35.51 -3.78 -44.11
C GLN C 121 -35.96 -2.31 -44.20
N ASN C 122 -37.18 -2.08 -44.66
CA ASN C 122 -37.72 -0.71 -44.78
C ASN C 122 -37.84 -0.04 -43.42
N LEU C 123 -38.27 -0.79 -42.39
CA LEU C 123 -38.37 -0.23 -41.02
C LEU C 123 -37.00 0.15 -40.56
N LEU C 124 -36.06 -0.75 -40.77
CA LEU C 124 -34.69 -0.47 -40.30
C LEU C 124 -34.15 0.81 -40.97
N LYS C 125 -34.35 0.95 -42.28
CA LYS C 125 -33.89 2.14 -42.96
C LYS C 125 -34.60 3.36 -42.42
N ARG C 126 -35.92 3.26 -42.20
CA ARG C 126 -36.66 4.39 -41.66
C ARG C 126 -36.17 4.73 -40.28
N ASP C 127 -35.93 3.71 -39.46
CA ASP C 127 -35.42 3.95 -38.11
C ASP C 127 -34.04 4.67 -38.12
N ILE C 128 -33.17 4.29 -39.02
CA ILE C 128 -31.88 4.91 -39.08
C ILE C 128 -32.01 6.37 -39.53
N ALA C 129 -32.75 6.57 -40.59
CA ALA C 129 -32.92 7.92 -41.09
C ALA C 129 -33.49 8.86 -40.00
N SER C 130 -34.45 8.34 -39.26
CA SER C 130 -35.09 9.11 -38.25
C SER C 130 -34.17 9.43 -37.08
N PHE C 131 -33.40 8.46 -36.62
CA PHE C 131 -32.41 8.71 -35.57
C PHE C 131 -31.40 9.81 -36.02
N LEU C 132 -30.89 9.66 -37.22
CA LEU C 132 -29.90 10.62 -37.71
C LEU C 132 -30.50 12.00 -37.86
N ARG C 133 -31.73 12.06 -38.32
CA ARG C 133 -32.42 13.35 -38.51
CA ARG C 133 -32.37 13.34 -38.52
C ARG C 133 -32.57 14.05 -37.16
N GLN C 134 -32.99 13.28 -36.13
CA GLN C 134 -33.13 13.85 -34.81
C GLN C 134 -31.78 14.31 -34.25
N MET C 135 -30.79 13.45 -34.32
CA MET C 135 -29.46 13.83 -33.81
C MET C 135 -28.88 15.08 -34.52
N HIS C 136 -28.96 15.07 -35.83
CA HIS C 136 -28.43 16.18 -36.63
C HIS C 136 -29.22 17.48 -36.46
N GLY C 137 -30.44 17.41 -35.96
CA GLY C 137 -31.27 18.62 -35.71
C GLY C 137 -31.09 19.23 -34.32
N LEU C 138 -30.28 18.62 -33.47
CA LEU C 138 -30.10 19.15 -32.11
C LEU C 138 -29.32 20.44 -32.10
N ASP C 139 -29.80 21.38 -31.30
CA ASP C 139 -29.09 22.57 -30.93
C ASP C 139 -27.88 22.05 -30.13
N TYR C 140 -26.68 22.27 -30.67
CA TYR C 140 -25.44 21.73 -30.05
C TYR C 140 -24.64 22.78 -29.22
N THR C 141 -25.31 23.88 -28.88
CA THR C 141 -24.69 24.94 -28.14
C THR C 141 -23.99 24.42 -26.87
N ASP C 142 -24.62 23.47 -26.18
CA ASP C 142 -24.09 23.01 -24.90
C ASP C 142 -22.83 22.14 -25.04
N ILE C 143 -22.55 21.65 -26.24
CA ILE C 143 -21.28 20.93 -26.53
C ILE C 143 -20.47 21.62 -27.62
N SER C 144 -20.54 22.94 -27.67
CA SER C 144 -20.04 23.67 -28.82
C SER C 144 -18.51 23.57 -28.98
N GLU C 145 -17.82 23.10 -27.95
CA GLU C 145 -16.38 22.89 -27.99
C GLU C 145 -16.02 21.65 -28.80
N CYS C 146 -16.99 20.76 -29.00
CA CYS C 146 -16.73 19.48 -29.66
C CYS C 146 -16.82 19.58 -31.20
N THR C 147 -16.26 20.65 -31.77
CA THR C 147 -16.16 20.82 -33.21
C THR C 147 -15.01 20.01 -33.79
N ILE C 148 -15.22 19.56 -35.01
CA ILE C 148 -14.19 18.87 -35.72
C ILE C 148 -14.17 19.47 -37.12
N ASP C 149 -12.99 19.86 -37.58
CA ASP C 149 -12.84 20.43 -38.94
C ASP C 149 -11.93 19.50 -39.73
N ASN C 150 -12.54 18.58 -40.50
CA ASN C 150 -11.77 17.61 -41.21
C ASN C 150 -10.77 18.26 -42.21
N LYS C 151 -11.21 19.26 -42.95
CA LYS C 151 -10.33 19.87 -43.97
C LYS C 151 -9.10 20.47 -43.38
N GLN C 152 -9.31 21.23 -42.32
CA GLN C 152 -8.22 21.87 -41.61
C GLN C 152 -7.27 20.85 -40.99
N ASN C 153 -7.83 19.81 -40.39
CA ASN C 153 -7.00 18.74 -39.81
C ASN C 153 -6.08 18.17 -40.91
N VAL C 154 -6.63 17.92 -42.07
CA VAL C 154 -5.84 17.37 -43.18
C VAL C 154 -4.75 18.35 -43.69
N LEU C 155 -5.09 19.65 -43.76
CA LEU C 155 -4.10 20.64 -44.15
C LEU C 155 -2.91 20.62 -43.19
N GLU C 156 -3.21 20.53 -41.89
CA GLU C 156 -2.12 20.51 -40.90
C GLU C 156 -1.31 19.18 -41.01
N GLU C 157 -1.97 18.11 -41.32
CA GLU C 157 -1.30 16.80 -41.47
C GLU C 157 -0.37 16.80 -42.63
N TYR C 158 -0.81 17.45 -43.70
CA TYR C 158 0.03 17.62 -44.88
C TYR C 158 1.30 18.38 -44.62
N ILE C 159 1.18 19.44 -43.85
CA ILE C 159 2.35 20.15 -43.48
C ILE C 159 3.31 19.24 -42.67
N LEU C 160 2.75 18.49 -41.72
CA LEU C 160 3.57 17.60 -40.90
C LEU C 160 4.34 16.62 -41.81
N LEU C 161 3.67 16.06 -42.81
CA LEU C 161 4.33 15.18 -43.79
C LEU C 161 5.52 15.87 -44.47
N ARG C 162 5.26 17.09 -44.98
CA ARG C 162 6.30 17.87 -45.65
C ARG C 162 7.48 18.13 -44.73
N GLU C 163 7.20 18.29 -43.44
CA GLU C 163 8.27 18.50 -42.45
C GLU C 163 9.01 17.25 -42.04
N THR C 164 8.46 16.08 -42.30
CA THR C 164 9.04 14.86 -41.75
C THR C 164 9.50 13.99 -42.91
N ILE C 165 8.64 13.13 -43.41
CA ILE C 165 9.13 12.07 -44.30
C ILE C 165 8.86 12.28 -45.78
N TYR C 166 8.14 13.34 -46.14
CA TYR C 166 7.76 13.52 -47.52
C TYR C 166 8.93 13.38 -48.49
N ASN C 167 10.05 13.98 -48.17
CA ASN C 167 11.19 13.97 -49.12
C ASN C 167 11.78 12.56 -49.39
N ASP C 168 11.55 11.61 -48.48
CA ASP C 168 11.96 10.23 -48.68
C ASP C 168 10.95 9.31 -49.35
N LEU C 169 9.78 9.84 -49.68
CA LEU C 169 8.76 9.01 -50.32
C LEU C 169 9.13 8.80 -51.79
N THR C 170 8.50 7.82 -52.42
CA THR C 170 8.75 7.56 -53.85
C THR C 170 7.92 8.56 -54.66
N ASP C 171 8.25 8.70 -55.92
CA ASP C 171 7.48 9.55 -56.81
C ASP C 171 6.05 9.13 -56.85
N ILE C 172 5.78 7.82 -56.91
CA ILE C 172 4.39 7.36 -56.92
C ILE C 172 3.63 7.82 -55.66
N GLU C 173 4.27 7.76 -54.51
CA GLU C 173 3.62 8.15 -53.25
C GLU C 173 3.40 9.62 -53.23
N LYS C 174 4.44 10.38 -53.58
CA LYS C 174 4.29 11.83 -53.67
C LYS C 174 3.19 12.24 -54.59
N ASP C 175 3.10 11.63 -55.76
CA ASP C 175 2.04 12.01 -56.69
C ASP C 175 0.64 11.73 -56.13
N TYR C 176 0.51 10.62 -55.43
CA TYR C 176 -0.79 10.29 -54.81
C TYR C 176 -1.17 11.42 -53.84
N ILE C 177 -0.21 11.83 -53.00
CA ILE C 177 -0.47 12.84 -51.96
C ILE C 177 -0.83 14.18 -52.56
N GLU C 178 -0.03 14.61 -53.52
CA GLU C 178 -0.27 15.88 -54.17
C GLU C 178 -1.61 15.90 -54.88
N SER C 179 -1.91 14.81 -55.55
CA SER C 179 -3.15 14.75 -56.28
C SER C 179 -4.33 14.86 -55.29
N PHE C 180 -4.22 14.18 -54.17
CA PHE C 180 -5.25 14.25 -53.14
C PHE C 180 -5.38 15.69 -52.60
N MET C 181 -4.27 16.34 -52.34
CA MET C 181 -4.30 17.73 -51.81
C MET C 181 -4.93 18.70 -52.79
N GLU C 182 -4.69 18.49 -54.07
CA GLU C 182 -5.32 19.28 -55.08
C GLU C 182 -6.85 19.14 -54.94
N ARG C 183 -7.30 17.90 -54.88
CA ARG C 183 -8.72 17.66 -54.77
C ARG C 183 -9.32 18.28 -53.48
N LEU C 184 -8.63 18.12 -52.38
CA LEU C 184 -9.09 18.62 -51.14
C LEU C 184 -9.21 20.13 -51.12
N ASN C 185 -8.27 20.80 -51.78
CA ASN C 185 -8.30 22.23 -51.90
C ASN C 185 -9.38 22.73 -52.84
N ALA C 186 -9.84 21.89 -53.76
CA ALA C 186 -10.85 22.37 -54.74
C ALA C 186 -12.29 21.99 -54.32
N THR C 187 -12.44 21.02 -53.45
CA THR C 187 -13.81 20.43 -53.25
C THR C 187 -14.73 21.39 -52.49
N THR C 188 -16.04 21.27 -52.74
CA THR C 188 -17.00 22.05 -52.03
C THR C 188 -17.64 21.27 -50.96
N VAL C 189 -17.29 20.01 -50.77
CA VAL C 189 -18.10 19.21 -49.84
C VAL C 189 -17.99 19.54 -48.34
N PHE C 190 -17.04 20.37 -47.93
CA PHE C 190 -16.94 20.84 -46.54
C PHE C 190 -17.70 22.13 -46.29
N GLU C 191 -18.47 22.61 -47.24
CA GLU C 191 -19.11 23.91 -47.14
C GLU C 191 -20.58 23.81 -46.82
N GLY C 192 -21.07 22.62 -46.48
CA GLY C 192 -22.50 22.45 -46.21
C GLY C 192 -22.76 22.43 -44.73
N LYS C 193 -23.94 21.95 -44.38
CA LYS C 193 -24.45 21.98 -43.02
C LYS C 193 -23.53 21.22 -42.05
N LYS C 194 -23.24 21.88 -40.91
CA LYS C 194 -22.51 21.28 -39.81
C LYS C 194 -23.53 20.91 -38.73
N CYS C 195 -23.33 19.78 -38.06
CA CYS C 195 -24.18 19.38 -36.96
C CYS C 195 -23.49 18.35 -36.12
N LEU C 196 -24.12 17.94 -35.02
CA LEU C 196 -23.57 16.83 -34.23
C LEU C 196 -23.75 15.54 -35.00
N CYS C 197 -22.63 14.86 -35.25
CA CYS C 197 -22.65 13.56 -35.95
C CYS C 197 -22.05 12.49 -35.09
N HIS C 198 -22.55 11.27 -35.26
CA HIS C 198 -21.92 10.07 -34.65
C HIS C 198 -20.48 9.92 -35.12
N ASN C 199 -20.33 10.04 -36.42
CA ASN C 199 -18.99 10.12 -37.10
C ASN C 199 -18.22 8.83 -37.13
N ASP C 200 -18.85 7.72 -36.79
CA ASP C 200 -18.24 6.39 -37.05
C ASP C 200 -19.40 5.40 -37.29
N PHE C 201 -20.30 5.80 -38.19
CA PHE C 201 -21.63 5.24 -38.23
C PHE C 201 -21.75 4.06 -39.19
N SER C 202 -21.15 2.96 -38.76
CA SER C 202 -21.02 1.75 -39.56
C SER C 202 -21.89 0.68 -38.94
N CYS C 203 -22.17 -0.36 -39.70
CA CYS C 203 -23.19 -1.29 -39.22
C CYS C 203 -22.71 -2.11 -38.01
N ASN C 204 -21.41 -2.22 -37.78
CA ASN C 204 -20.95 -2.85 -36.52
C ASN C 204 -21.17 -1.99 -35.23
N HIS C 205 -21.78 -0.82 -35.35
CA HIS C 205 -22.26 -0.07 -34.22
C HIS C 205 -23.73 -0.01 -34.11
N LEU C 206 -24.44 -0.76 -34.94
CA LEU C 206 -25.91 -0.72 -34.89
C LEU C 206 -26.46 -2.05 -34.38
N LEU C 207 -27.33 -1.97 -33.37
CA LEU C 207 -27.83 -3.18 -32.73
C LEU C 207 -29.28 -3.38 -33.12
N LEU C 208 -29.62 -4.63 -33.36
CA LEU C 208 -30.99 -5.07 -33.60
C LEU C 208 -31.55 -5.88 -32.47
N ASP C 209 -32.88 -5.75 -32.22
CA ASP C 209 -33.55 -6.58 -31.24
C ASP C 209 -34.01 -7.87 -31.88
N GLY C 210 -34.71 -8.70 -31.10
CA GLY C 210 -35.25 -9.97 -31.54
C GLY C 210 -36.28 -9.92 -32.67
N ASN C 211 -36.82 -8.74 -32.93
CA ASN C 211 -37.70 -8.48 -34.07
C ASN C 211 -37.02 -7.74 -35.23
N ASN C 212 -35.69 -7.66 -35.21
CA ASN C 212 -34.88 -6.99 -36.25
C ASN C 212 -35.19 -5.52 -36.39
N ARG C 213 -35.58 -4.88 -35.30
CA ARG C 213 -35.64 -3.42 -35.24
C ARG C 213 -34.39 -2.88 -34.65
N LEU C 214 -34.09 -1.65 -35.03
CA LEU C 214 -32.96 -0.96 -34.51
C LEU C 214 -33.29 -0.72 -33.05
N THR C 215 -32.42 -1.19 -32.19
CA THR C 215 -32.66 -1.05 -30.79
C THR C 215 -31.58 -0.23 -30.08
N GLY C 216 -30.41 -0.08 -30.67
CA GLY C 216 -29.32 0.63 -30.02
C GLY C 216 -28.22 1.03 -30.96
N ILE C 217 -27.50 2.07 -30.58
CA ILE C 217 -26.31 2.54 -31.32
C ILE C 217 -25.22 2.79 -30.31
N ILE C 218 -24.02 2.30 -30.62
CA ILE C 218 -22.88 2.41 -29.74
C ILE C 218 -21.77 3.19 -30.36
N ASP C 219 -20.77 3.44 -29.54
CA ASP C 219 -19.45 4.01 -29.94
C ASP C 219 -19.58 5.34 -30.59
N PHE C 220 -19.89 6.32 -29.75
CA PHE C 220 -19.88 7.70 -30.18
C PHE C 220 -18.50 8.26 -29.84
N GLY C 221 -17.49 7.41 -29.81
CA GLY C 221 -16.13 7.83 -29.48
C GLY C 221 -15.42 8.83 -30.45
N ASP C 222 -15.92 9.01 -31.66
CA ASP C 222 -15.34 9.99 -32.60
C ASP C 222 -16.32 11.10 -32.91
N SER C 223 -17.42 11.09 -32.16
CA SER C 223 -18.48 12.02 -32.40
C SER C 223 -18.11 13.47 -32.20
N GLY C 224 -18.79 14.35 -32.94
CA GLY C 224 -18.55 15.79 -32.81
C GLY C 224 -19.35 16.60 -33.77
N ILE C 225 -19.13 17.90 -33.73
CA ILE C 225 -19.85 18.80 -34.59
C ILE C 225 -19.03 18.92 -35.89
N ILE C 226 -19.62 18.49 -37.00
CA ILE C 226 -18.84 18.22 -38.23
C ILE C 226 -19.82 18.24 -39.40
N ASP C 227 -19.34 17.99 -40.60
CA ASP C 227 -20.26 17.94 -41.75
C ASP C 227 -21.33 16.89 -41.65
N GLU C 228 -22.56 17.29 -41.93
CA GLU C 228 -23.73 16.37 -42.00
C GLU C 228 -23.44 15.10 -42.88
N TYR C 229 -22.68 15.26 -43.96
CA TYR C 229 -22.34 14.14 -44.82
C TYR C 229 -21.58 13.00 -44.13
N CYS C 230 -20.91 13.30 -43.00
CA CYS C 230 -20.07 12.34 -42.26
C CYS C 230 -20.77 11.08 -41.86
N ASP C 231 -22.03 11.20 -41.47
CA ASP C 231 -22.74 10.04 -40.99
C ASP C 231 -23.24 9.10 -42.05
N PHE C 232 -22.96 9.41 -43.32
CA PHE C 232 -23.37 8.53 -44.44
C PHE C 232 -22.23 7.81 -45.13
N ILE C 233 -21.01 8.05 -44.65
CA ILE C 233 -19.88 7.53 -45.32
C ILE C 233 -19.85 6.02 -45.33
N TYR C 234 -20.23 5.39 -44.22
CA TYR C 234 -20.28 3.91 -44.17
C TYR C 234 -21.57 3.35 -44.73
N LEU C 235 -22.65 4.06 -44.53
CA LEU C 235 -23.91 3.64 -45.17
C LEU C 235 -23.78 3.56 -46.68
N LEU C 236 -22.91 4.42 -47.24
CA LEU C 236 -22.67 4.47 -48.67
C LEU C 236 -21.54 3.59 -49.15
N GLU C 237 -20.89 2.88 -48.25
CA GLU C 237 -19.72 2.09 -48.63
C GLU C 237 -20.11 0.71 -49.23
N ASP C 238 -19.47 0.41 -50.34
CA ASP C 238 -19.61 -0.90 -50.95
C ASP C 238 -18.38 -1.72 -50.50
N SER C 239 -18.58 -2.59 -49.52
CA SER C 239 -17.53 -3.44 -49.00
C SER C 239 -18.18 -4.66 -48.39
N GLU C 240 -17.36 -5.61 -48.01
CA GLU C 240 -17.83 -6.82 -47.36
C GLU C 240 -18.42 -6.57 -45.96
N GLU C 241 -17.99 -5.50 -45.31
CA GLU C 241 -18.44 -5.21 -43.95
C GLU C 241 -19.75 -4.40 -43.91
N GLU C 242 -20.07 -3.70 -44.97
CA GLU C 242 -21.24 -2.81 -44.94
C GLU C 242 -22.32 -3.36 -45.89
N ILE C 243 -23.54 -2.87 -45.73
CA ILE C 243 -24.67 -3.44 -46.46
C ILE C 243 -24.62 -3.11 -47.92
N GLY C 244 -24.27 -1.88 -48.23
CA GLY C 244 -24.11 -1.53 -49.65
C GLY C 244 -24.63 -0.16 -49.94
N THR C 245 -24.19 0.35 -51.07
CA THR C 245 -24.47 1.68 -51.50
C THR C 245 -26.00 1.95 -51.60
N ASN C 246 -26.80 0.99 -52.06
CA ASN C 246 -28.28 1.15 -52.20
C ASN C 246 -28.99 1.36 -50.88
N PHE C 247 -28.41 0.77 -49.85
CA PHE C 247 -28.91 0.90 -48.49
C PHE C 247 -28.75 2.34 -48.05
N GLY C 248 -27.53 2.86 -48.22
CA GLY C 248 -27.24 4.26 -47.88
C GLY C 248 -28.04 5.22 -48.72
N GLU C 249 -28.19 4.93 -49.99
CA GLU C 249 -29.02 5.76 -50.85
C GLU C 249 -30.49 5.83 -50.41
N ASP C 250 -31.09 4.67 -50.09
CA ASP C 250 -32.47 4.64 -49.63
C ASP C 250 -32.63 5.39 -48.29
N ILE C 251 -31.67 5.24 -47.41
CA ILE C 251 -31.68 5.98 -46.15
C ILE C 251 -31.59 7.49 -46.42
N LEU C 252 -30.73 7.88 -47.34
CA LEU C 252 -30.56 9.29 -47.65
C LEU C 252 -31.87 9.87 -48.24
N ARG C 253 -32.56 9.12 -49.06
CA ARG C 253 -33.86 9.53 -49.56
C ARG C 253 -34.88 9.71 -48.44
N MET C 254 -34.90 8.80 -47.49
CA MET C 254 -35.84 8.89 -46.37
C MET C 254 -35.47 10.07 -45.48
N TYR C 255 -34.17 10.34 -45.35
CA TYR C 255 -33.68 11.37 -44.47
C TYR C 255 -34.12 12.73 -45.02
N GLY C 256 -33.95 12.88 -46.32
CA GLY C 256 -34.36 14.04 -47.10
C GLY C 256 -33.37 15.20 -47.06
N ASN C 257 -33.51 16.06 -48.04
CA ASN C 257 -32.91 17.37 -48.11
C ASN C 257 -31.42 17.31 -48.09
N ILE C 258 -30.85 16.33 -48.81
CA ILE C 258 -29.42 16.21 -48.83
C ILE C 258 -29.04 15.71 -50.21
N ASP C 259 -28.01 16.32 -50.76
CA ASP C 259 -27.54 16.02 -52.07
C ASP C 259 -26.76 14.67 -52.01
N ILE C 260 -27.36 13.63 -52.55
CA ILE C 260 -26.83 12.29 -52.45
C ILE C 260 -25.50 12.13 -53.16
N GLU C 261 -25.34 12.81 -54.27
CA GLU C 261 -24.11 12.75 -55.00
C GLU C 261 -22.96 13.43 -54.28
N LYS C 262 -23.26 14.52 -53.53
CA LYS C 262 -22.22 15.18 -52.70
C LYS C 262 -21.87 14.30 -51.56
N ALA C 263 -22.86 13.61 -51.00
CA ALA C 263 -22.58 12.65 -49.90
C ALA C 263 -21.61 11.60 -50.40
N LYS C 264 -21.80 11.13 -51.61
CA LYS C 264 -20.88 10.15 -52.16
C LYS C 264 -19.50 10.75 -52.51
N GLU C 265 -19.47 11.99 -53.01
CA GLU C 265 -18.18 12.68 -53.22
C GLU C 265 -17.42 12.74 -51.88
N TYR C 266 -18.11 13.03 -50.79
CA TYR C 266 -17.49 13.17 -49.49
C TYR C 266 -16.92 11.85 -49.08
N GLN C 267 -17.73 10.80 -49.20
CA GLN C 267 -17.24 9.45 -48.87
C GLN C 267 -15.99 9.13 -49.68
N ASP C 268 -16.01 9.50 -50.96
CA ASP C 268 -14.90 9.17 -51.84
C ASP C 268 -13.57 9.90 -51.46
N ILE C 269 -13.69 11.16 -51.09
CA ILE C 269 -12.56 11.94 -50.62
C ILE C 269 -12.00 11.37 -49.30
N VAL C 270 -12.86 10.96 -48.38
CA VAL C 270 -12.41 10.33 -47.13
C VAL C 270 -11.69 9.02 -47.44
N GLU C 271 -12.19 8.27 -48.42
CA GLU C 271 -11.63 6.98 -48.71
C GLU C 271 -10.26 7.21 -49.35
N GLU C 272 -10.15 8.19 -50.22
CA GLU C 272 -8.86 8.50 -50.87
C GLU C 272 -7.83 8.98 -49.87
N TYR C 273 -8.25 9.71 -48.86
CA TYR C 273 -7.35 10.13 -47.78
C TYR C 273 -6.79 8.99 -46.91
N TYR C 274 -7.52 7.89 -46.79
CA TYR C 274 -7.18 6.83 -45.84
C TYR C 274 -5.71 6.41 -45.72
N PRO C 275 -5.04 6.09 -46.82
CA PRO C 275 -3.65 5.79 -46.78
C PRO C 275 -2.79 6.89 -46.18
N ILE C 276 -3.15 8.12 -46.44
CA ILE C 276 -2.37 9.24 -45.92
C ILE C 276 -2.65 9.39 -44.41
N GLU C 277 -3.92 9.26 -44.03
CA GLU C 277 -4.30 9.24 -42.66
C GLU C 277 -3.47 8.20 -41.89
N THR C 278 -3.24 7.07 -42.54
CA THR C 278 -2.58 5.93 -41.90
C THR C 278 -1.10 6.26 -41.73
N ILE C 279 -0.52 6.89 -42.73
CA ILE C 279 0.87 7.30 -42.66
C ILE C 279 1.08 8.33 -41.52
N VAL C 280 0.19 9.30 -41.47
CA VAL C 280 0.24 10.36 -40.50
C VAL C 280 0.11 9.81 -39.05
N TYR C 281 -0.82 8.86 -38.86
CA TYR C 281 -0.95 8.20 -37.59
C TYR C 281 0.41 7.58 -37.21
N GLY C 282 1.09 6.97 -38.17
CA GLY C 282 2.35 6.32 -37.89
C GLY C 282 3.48 7.29 -37.52
N ILE C 283 3.48 8.44 -38.17
CA ILE C 283 4.41 9.49 -37.89
C ILE C 283 4.17 10.00 -36.48
N LYS C 284 2.93 10.38 -36.20
CA LYS C 284 2.64 11.03 -34.92
C LYS C 284 2.85 10.08 -33.74
N ASN C 285 2.63 8.80 -33.94
CA ASN C 285 2.70 7.84 -32.84
C ASN C 285 3.97 7.01 -32.89
N ILE C 286 4.86 7.36 -33.81
CA ILE C 286 6.15 6.71 -33.94
C ILE C 286 5.91 5.21 -34.10
N LYS C 287 5.09 4.86 -35.10
CA LYS C 287 4.75 3.47 -35.39
C LYS C 287 4.98 3.22 -36.84
N GLN C 288 6.16 2.70 -37.12
CA GLN C 288 6.61 2.51 -38.47
C GLN C 288 5.68 1.60 -39.29
N GLU C 289 5.05 0.64 -38.65
CA GLU C 289 4.25 -0.32 -39.38
C GLU C 289 3.08 0.42 -40.05
N PHE C 290 2.60 1.51 -39.45
CA PHE C 290 1.53 2.26 -40.05
C PHE C 290 1.99 3.11 -41.24
N ILE C 291 3.20 3.62 -41.16
CA ILE C 291 3.78 4.34 -42.27
C ILE C 291 3.90 3.38 -43.47
N GLU C 292 4.43 2.20 -43.24
CA GLU C 292 4.54 1.17 -44.24
C GLU C 292 3.17 0.72 -44.80
N ASN C 293 2.20 0.47 -43.94
CA ASN C 293 0.88 0.05 -44.39
C ASN C 293 0.23 1.07 -45.29
N GLY C 294 0.32 2.33 -44.92
CA GLY C 294 -0.29 3.36 -45.76
C GLY C 294 0.41 3.55 -47.09
N ARG C 295 1.73 3.48 -47.11
CA ARG C 295 2.48 3.58 -48.33
C ARG C 295 2.13 2.40 -49.26
N LYS C 296 2.07 1.20 -48.73
CA LYS C 296 1.71 0.04 -49.55
C LYS C 296 0.31 0.23 -50.13
N GLU C 297 -0.58 0.81 -49.33
CA GLU C 297 -1.98 0.96 -49.78
C GLU C 297 -2.07 1.98 -50.93
N ILE C 298 -1.16 2.94 -50.93
CA ILE C 298 -1.05 3.84 -52.06
C ILE C 298 -0.79 3.07 -53.36
N TYR C 299 0.14 2.14 -53.31
CA TYR C 299 0.44 1.32 -54.49
C TYR C 299 -0.73 0.49 -54.89
N LYS C 300 -1.41 -0.12 -53.92
CA LYS C 300 -2.57 -0.93 -54.24
C LYS C 300 -3.59 -0.11 -55.01
N ARG C 301 -3.87 1.07 -54.51
CA ARG C 301 -4.91 1.91 -55.13
C ARG C 301 -4.45 2.44 -56.50
N THR C 302 -3.16 2.79 -56.62
CA THR C 302 -2.64 3.30 -57.88
C THR C 302 -2.77 2.24 -59.00
N TYR C 303 -2.56 0.98 -58.66
CA TYR C 303 -2.52 -0.13 -59.61
C TYR C 303 -3.85 -0.86 -59.77
N LYS C 304 -4.88 -0.43 -59.04
CA LYS C 304 -6.26 -1.06 -59.20
C LYS C 304 -6.81 -0.47 -60.49
N ASP C 305 -7.00 -1.29 -61.50
CA ASP C 305 -7.38 -0.72 -62.82
C ASP C 305 -8.81 -0.18 -62.77
N TYR D 5 -5.93 -7.73 -32.43
CA TYR D 5 -5.71 -7.81 -30.95
C TYR D 5 -4.40 -8.53 -30.58
N ASP D 6 -3.72 -8.01 -29.56
CA ASP D 6 -2.48 -8.61 -29.01
C ASP D 6 -2.60 -8.75 -27.49
N ASP D 7 -2.90 -9.98 -27.05
CA ASP D 7 -2.97 -10.34 -25.60
C ASP D 7 -1.69 -9.92 -24.83
N ASN D 8 -0.55 -10.04 -25.51
CA ASN D 8 0.77 -9.63 -24.97
C ASN D 8 0.93 -8.13 -24.62
N ALA D 9 0.80 -7.25 -25.61
CA ALA D 9 0.91 -5.78 -25.39
C ALA D 9 -0.04 -5.26 -24.29
N THR D 10 -1.25 -5.83 -24.19
CA THR D 10 -2.24 -5.35 -23.20
C THR D 10 -1.87 -5.67 -21.72
N ASN D 11 -1.33 -6.88 -21.52
CA ASN D 11 -0.99 -7.39 -20.17
C ASN D 11 0.12 -6.54 -19.59
N VAL D 12 1.10 -6.28 -20.45
CA VAL D 12 2.25 -5.50 -20.05
C VAL D 12 1.81 -4.09 -19.65
N LYS D 13 0.88 -3.49 -20.39
CA LYS D 13 0.47 -2.07 -20.13
C LYS D 13 -0.14 -1.96 -18.74
N ALA D 14 -1.03 -2.91 -18.48
CA ALA D 14 -1.71 -2.95 -17.16
C ALA D 14 -0.69 -3.10 -16.03
N MET D 15 0.25 -4.02 -16.21
CA MET D 15 1.20 -4.32 -15.13
C MET D 15 2.22 -3.20 -14.99
N LYS D 16 2.59 -2.58 -16.11
CA LYS D 16 3.42 -1.37 -16.05
C LYS D 16 2.71 -0.30 -15.21
N TYR D 17 1.43 -0.11 -15.48
CA TYR D 17 0.64 0.84 -14.74
C TYR D 17 0.62 0.55 -13.23
N LEU D 18 0.38 -0.71 -12.88
CA LEU D 18 0.31 -1.11 -11.47
C LEU D 18 1.65 -0.94 -10.74
N ILE D 19 2.73 -1.31 -11.41
CA ILE D 19 4.08 -1.18 -10.84
C ILE D 19 4.37 0.27 -10.54
N GLU D 20 4.11 1.13 -11.51
CA GLU D 20 4.38 2.53 -11.34
C GLU D 20 3.44 3.19 -10.32
N HIS D 21 2.24 2.63 -10.18
CA HIS D 21 1.27 3.15 -9.24
C HIS D 21 1.67 2.79 -7.81
N TYR D 22 2.04 1.54 -7.57
CA TYR D 22 2.33 1.07 -6.19
C TYR D 22 3.75 1.35 -5.71
N PHE D 23 4.68 1.54 -6.65
CA PHE D 23 6.11 1.78 -6.34
C PHE D 23 6.50 3.14 -6.85
N ASP D 24 6.47 4.09 -5.92
CA ASP D 24 6.82 5.49 -6.17
C ASP D 24 8.16 5.69 -6.83
N ASN D 25 8.16 6.48 -7.90
CA ASN D 25 9.42 6.77 -8.61
C ASN D 25 10.14 5.49 -9.07
N PHE D 26 9.42 4.40 -9.26
CA PHE D 26 9.92 3.30 -10.08
C PHE D 26 9.43 3.59 -11.47
N LYS D 27 10.35 3.69 -12.41
CA LYS D 27 9.99 4.00 -13.79
C LYS D 27 10.22 2.78 -14.66
N VAL D 28 9.16 2.38 -15.35
CA VAL D 28 9.22 1.24 -16.23
C VAL D 28 9.58 1.71 -17.64
N ASP D 29 10.79 1.39 -18.06
CA ASP D 29 11.26 1.75 -19.40
C ASP D 29 11.01 0.61 -20.35
N SER D 30 11.08 -0.61 -19.84
CA SER D 30 10.77 -1.77 -20.66
C SER D 30 10.17 -2.84 -19.77
N ILE D 31 9.33 -3.65 -20.37
CA ILE D 31 8.65 -4.69 -19.64
C ILE D 31 8.22 -5.78 -20.59
N GLU D 32 8.58 -7.01 -20.27
CA GLU D 32 8.10 -8.15 -21.06
C GLU D 32 7.72 -9.33 -20.18
N ILE D 33 6.79 -10.13 -20.67
CA ILE D 33 6.39 -11.35 -19.97
C ILE D 33 7.49 -12.41 -20.16
N ILE D 34 8.02 -12.96 -19.06
CA ILE D 34 9.08 -13.97 -19.18
C ILE D 34 8.62 -15.29 -18.70
N GLY D 35 7.50 -15.30 -18.01
CA GLY D 35 6.89 -16.55 -17.64
C GLY D 35 5.51 -16.37 -17.08
N SER D 36 4.84 -17.50 -16.94
CA SER D 36 3.57 -17.51 -16.27
C SER D 36 3.29 -18.88 -15.64
N GLY D 37 2.32 -18.86 -14.73
CA GLY D 37 1.65 -20.05 -14.24
C GLY D 37 0.18 -19.89 -14.61
N TYR D 38 -0.66 -20.75 -14.09
CA TYR D 38 -2.09 -20.60 -14.39
C TYR D 38 -2.72 -19.47 -13.58
N ASP D 39 -2.02 -19.09 -12.52
CA ASP D 39 -2.49 -18.12 -11.54
C ASP D 39 -1.54 -16.97 -11.32
N SER D 40 -0.51 -16.87 -12.15
CA SER D 40 0.45 -15.83 -11.94
C SER D 40 1.17 -15.43 -13.24
N VAL D 41 1.79 -14.27 -13.21
CA VAL D 41 2.62 -13.86 -14.34
C VAL D 41 3.87 -13.23 -13.84
N ALA D 42 4.97 -13.55 -14.48
CA ALA D 42 6.22 -12.95 -14.18
C ALA D 42 6.76 -12.09 -15.36
N TYR D 43 7.34 -10.95 -15.02
CA TYR D 43 7.79 -9.98 -15.99
C TYR D 43 9.25 -9.68 -15.77
N LEU D 44 9.95 -9.41 -16.87
CA LEU D 44 11.28 -8.81 -16.81
C LEU D 44 11.13 -7.32 -17.13
N VAL D 45 11.54 -6.51 -16.16
CA VAL D 45 11.36 -5.03 -16.21
C VAL D 45 12.71 -4.34 -16.25
N ASN D 46 12.87 -3.42 -17.21
CA ASN D 46 14.14 -2.70 -17.46
C ASN D 46 15.34 -3.62 -17.66
N ASN D 47 15.10 -4.81 -18.20
CA ASN D 47 16.12 -5.87 -18.39
C ASN D 47 16.96 -6.22 -17.17
N GLU D 48 16.36 -6.05 -16.01
CA GLU D 48 17.12 -6.10 -14.78
C GLU D 48 16.32 -6.71 -13.61
N TYR D 49 15.02 -6.44 -13.56
CA TYR D 49 14.17 -6.84 -12.45
C TYR D 49 13.14 -7.87 -12.86
N ILE D 50 12.99 -8.90 -12.02
CA ILE D 50 11.85 -9.80 -12.13
C ILE D 50 10.79 -9.24 -11.26
N PHE D 51 9.59 -9.16 -11.82
CA PHE D 51 8.39 -8.86 -11.05
C PHE D 51 7.44 -10.01 -11.18
N LYS D 52 7.19 -10.70 -10.06
CA LYS D 52 6.18 -11.78 -9.99
C LYS D 52 4.92 -11.17 -9.54
N THR D 53 3.80 -11.56 -10.14
CA THR D 53 2.53 -10.94 -9.80
C THR D 53 1.43 -11.99 -9.77
N LYS D 54 0.49 -11.80 -8.88
CA LYS D 54 -0.73 -12.59 -8.90
C LYS D 54 -1.91 -11.78 -8.33
N PHE D 55 -3.09 -12.13 -8.81
CA PHE D 55 -4.36 -11.53 -8.34
C PHE D 55 -5.10 -12.47 -7.36
N SER D 56 -6.41 -12.35 -7.15
CA SER D 56 -7.11 -13.14 -6.08
C SER D 56 -6.86 -14.64 -6.18
N GLY D 62 0.56 -15.93 1.31
CA GLY D 62 0.82 -16.42 -0.08
C GLY D 62 2.13 -15.81 -0.56
N TYR D 63 2.05 -14.62 -1.19
CA TYR D 63 3.33 -13.88 -1.40
C TYR D 63 3.94 -13.39 -0.08
N ALA D 64 3.13 -13.23 0.96
CA ALA D 64 3.65 -12.85 2.27
C ALA D 64 4.64 -13.90 2.74
N LYS D 65 4.24 -15.16 2.63
CA LYS D 65 5.09 -16.26 3.09
C LYS D 65 6.33 -16.42 2.24
N GLU D 66 6.17 -16.28 0.94
CA GLU D 66 7.26 -16.39 0.01
C GLU D 66 8.31 -15.31 0.30
N LYS D 67 7.83 -14.10 0.52
CA LYS D 67 8.69 -12.97 0.88
C LYS D 67 9.40 -13.24 2.21
N ALA D 68 8.68 -13.74 3.20
CA ALA D 68 9.27 -14.02 4.50
C ALA D 68 10.35 -15.07 4.34
N ILE D 69 10.12 -16.00 3.46
CA ILE D 69 11.10 -17.05 3.24
C ILE D 69 12.37 -16.54 2.54
N TYR D 70 12.22 -15.70 1.52
CA TYR D 70 13.40 -15.05 0.90
C TYR D 70 14.21 -14.27 1.93
N ASN D 71 13.53 -13.47 2.75
CA ASN D 71 14.19 -12.70 3.78
C ASN D 71 14.92 -13.62 4.76
N PHE D 72 14.24 -14.67 5.20
CA PHE D 72 14.82 -15.60 6.18
C PHE D 72 16.05 -16.28 5.60
N LEU D 73 15.95 -16.65 4.34
CA LEU D 73 17.05 -17.36 3.73
C LEU D 73 18.24 -16.43 3.43
N ASN D 74 17.94 -15.21 2.99
CA ASN D 74 19.01 -14.24 2.67
C ASN D 74 19.78 -13.85 3.94
N THR D 75 19.09 -13.85 5.05
CA THR D 75 19.69 -13.60 6.35
C THR D 75 20.52 -14.77 6.82
N ASN D 76 20.04 -16.00 6.63
CA ASN D 76 20.63 -17.13 7.36
C ASN D 76 21.47 -18.10 6.56
N LEU D 77 21.28 -18.17 5.26
CA LEU D 77 22.10 -19.09 4.47
C LEU D 77 23.52 -18.56 4.35
N GLU D 78 24.49 -19.44 4.41
CA GLU D 78 25.82 -19.08 3.95
C GLU D 78 26.18 -19.88 2.73
N THR D 79 26.12 -19.26 1.56
CA THR D 79 26.21 -19.99 0.30
C THR D 79 26.59 -19.03 -0.78
N ASN D 80 27.21 -19.51 -1.84
CA ASN D 80 27.39 -18.66 -3.02
C ASN D 80 26.27 -18.81 -4.03
N VAL D 81 25.36 -19.73 -3.77
CA VAL D 81 24.19 -19.90 -4.63
C VAL D 81 23.21 -18.74 -4.37
N LYS D 82 22.86 -18.03 -5.43
CA LYS D 82 21.94 -16.91 -5.31
C LYS D 82 20.49 -17.35 -5.28
N ILE D 83 19.69 -16.60 -4.53
CA ILE D 83 18.23 -16.73 -4.51
C ILE D 83 17.60 -15.32 -4.58
N PRO D 84 16.31 -15.22 -4.88
CA PRO D 84 15.72 -13.90 -5.02
C PRO D 84 15.90 -13.10 -3.75
N ASN D 85 16.20 -11.83 -3.92
CA ASN D 85 16.35 -10.90 -2.83
C ASN D 85 15.37 -9.74 -3.06
N ILE D 86 14.34 -9.71 -2.26
CA ILE D 86 13.18 -8.87 -2.57
C ILE D 86 13.47 -7.40 -2.33
N GLU D 87 13.31 -6.57 -3.35
CA GLU D 87 13.44 -5.14 -3.19
C GLU D 87 12.13 -4.36 -3.26
N TYR D 88 11.13 -4.93 -3.90
CA TYR D 88 9.82 -4.28 -3.98
C TYR D 88 8.78 -5.30 -3.64
N SER D 89 7.81 -4.90 -2.86
CA SER D 89 6.70 -5.80 -2.59
C SER D 89 5.46 -5.01 -2.33
N TYR D 90 4.34 -5.52 -2.81
CA TYR D 90 3.00 -5.06 -2.43
C TYR D 90 2.16 -6.30 -2.20
N ILE D 91 1.56 -6.43 -1.00
CA ILE D 91 0.76 -7.59 -0.69
C ILE D 91 -0.66 -7.28 -0.21
N SER D 92 -1.66 -7.86 -0.89
CA SER D 92 -3.09 -7.70 -0.55
C SER D 92 -3.83 -8.94 -1.04
N ASP D 93 -5.08 -9.13 -0.62
CA ASP D 93 -5.86 -10.30 -1.08
C ASP D 93 -6.01 -10.32 -2.60
N GLU D 94 -6.26 -9.14 -3.14
CA GLU D 94 -6.62 -9.04 -4.54
C GLU D 94 -5.38 -8.97 -5.46
N LEU D 95 -4.22 -8.68 -4.90
CA LEU D 95 -3.02 -8.38 -5.70
C LEU D 95 -1.77 -8.48 -4.88
N SER D 96 -0.83 -9.26 -5.36
CA SER D 96 0.48 -9.33 -4.74
C SER D 96 1.56 -9.25 -5.82
N ILE D 97 2.57 -8.50 -5.48
CA ILE D 97 3.67 -8.26 -6.38
C ILE D 97 4.98 -8.35 -5.62
N LEU D 98 5.94 -9.09 -6.17
CA LEU D 98 7.29 -9.16 -5.61
C LEU D 98 8.23 -8.79 -6.71
N GLY D 99 9.15 -7.89 -6.42
CA GLY D 99 10.22 -7.57 -7.35
C GLY D 99 11.65 -7.78 -6.80
N TYR D 100 12.52 -8.29 -7.66
CA TYR D 100 13.89 -8.59 -7.28
C TYR D 100 14.76 -8.57 -8.53
N LYS D 101 16.06 -8.34 -8.36
CA LYS D 101 16.97 -8.35 -9.49
C LYS D 101 17.06 -9.78 -10.01
N GLU D 102 16.94 -9.86 -11.33
CA GLU D 102 17.03 -11.12 -12.05
C GLU D 102 18.33 -11.83 -11.73
N ILE D 103 18.25 -13.08 -11.31
CA ILE D 103 19.45 -13.95 -11.24
C ILE D 103 19.81 -14.42 -12.64
N LYS D 104 21.07 -14.20 -13.03
CA LYS D 104 21.50 -14.47 -14.40
C LYS D 104 22.04 -15.90 -14.49
N GLY D 105 21.81 -16.57 -15.60
CA GLY D 105 22.26 -17.93 -15.78
C GLY D 105 21.42 -18.65 -16.80
N THR D 106 21.68 -19.94 -16.93
CA THR D 106 20.94 -20.82 -17.85
C THR D 106 20.22 -21.89 -17.02
N PHE D 107 18.93 -22.09 -17.28
CA PHE D 107 18.20 -23.08 -16.51
C PHE D 107 18.64 -24.48 -16.89
N LEU D 108 18.86 -25.30 -15.89
CA LEU D 108 19.16 -26.72 -16.11
C LEU D 108 18.03 -27.43 -16.86
N THR D 109 18.40 -28.23 -17.84
CA THR D 109 17.49 -29.12 -18.53
C THR D 109 18.14 -30.47 -18.75
N PRO D 110 17.34 -31.50 -19.04
CA PRO D 110 17.88 -32.81 -19.40
C PRO D 110 18.89 -32.75 -20.52
N GLU D 111 18.65 -31.91 -21.52
CA GLU D 111 19.54 -31.82 -22.68
C GLU D 111 20.89 -31.30 -22.26
N ILE D 112 20.86 -30.23 -21.49
CA ILE D 112 22.11 -29.61 -21.02
C ILE D 112 22.89 -30.58 -20.15
N TYR D 113 22.19 -31.23 -19.23
CA TYR D 113 22.84 -32.18 -18.35
C TYR D 113 23.59 -33.30 -19.14
N SER D 114 22.94 -33.78 -20.19
CA SER D 114 23.49 -34.84 -21.00
C SER D 114 24.73 -34.38 -21.80
N THR D 115 24.91 -33.08 -22.04
CA THR D 115 26.18 -32.57 -22.61
C THR D 115 27.28 -32.30 -21.55
N MET D 116 26.96 -32.31 -20.27
CA MET D 116 27.99 -32.02 -19.28
C MET D 116 28.96 -33.19 -19.16
N SER D 117 30.22 -32.90 -18.88
CA SER D 117 31.20 -33.96 -18.63
C SER D 117 30.86 -34.62 -17.31
N GLU D 118 31.33 -35.82 -17.12
CA GLU D 118 31.18 -36.53 -15.85
C GLU D 118 31.60 -35.70 -14.61
N GLU D 119 32.69 -34.97 -14.71
CA GLU D 119 33.13 -34.09 -13.62
C GLU D 119 32.18 -32.96 -13.36
N GLU D 120 31.69 -32.34 -14.43
CA GLU D 120 30.65 -31.33 -14.25
C GLU D 120 29.40 -31.87 -13.57
N GLN D 121 28.97 -33.04 -13.98
CA GLN D 121 27.74 -33.63 -13.43
C GLN D 121 27.94 -33.91 -11.94
N ASN D 122 29.09 -34.51 -11.59
CA ASN D 122 29.40 -34.75 -10.17
C ASN D 122 29.40 -33.44 -9.34
N LEU D 123 30.00 -32.39 -9.86
CA LEU D 123 30.01 -31.09 -9.16
C LEU D 123 28.61 -30.54 -8.95
N LEU D 124 27.81 -30.63 -10.00
CA LEU D 124 26.45 -30.14 -9.90
C LEU D 124 25.67 -30.91 -8.85
N LYS D 125 25.80 -32.24 -8.86
CA LYS D 125 25.07 -33.04 -7.89
C LYS D 125 25.56 -32.65 -6.50
N ARG D 126 26.89 -32.47 -6.34
CA ARG D 126 27.45 -32.08 -5.01
C ARG D 126 26.92 -30.72 -4.57
N ASP D 127 26.82 -29.79 -5.53
CA ASP D 127 26.30 -28.45 -5.22
C ASP D 127 24.81 -28.52 -4.79
N ILE D 128 24.04 -29.35 -5.44
CA ILE D 128 22.63 -29.48 -5.06
C ILE D 128 22.51 -30.11 -3.69
N ALA D 129 23.20 -31.21 -3.49
CA ALA D 129 23.08 -31.90 -2.22
C ALA D 129 23.48 -30.93 -1.09
N SER D 130 24.52 -30.18 -1.34
CA SER D 130 25.07 -29.31 -0.33
C SER D 130 24.10 -28.14 -0.01
N PHE D 131 23.46 -27.59 -1.04
CA PHE D 131 22.52 -26.51 -0.81
C PHE D 131 21.36 -27.03 0.04
N LEU D 132 20.86 -28.19 -0.36
CA LEU D 132 19.71 -28.78 0.32
C LEU D 132 20.05 -29.12 1.73
N ARG D 133 21.25 -29.64 1.95
CA ARG D 133 21.69 -30.00 3.30
CA ARG D 133 21.69 -30.02 3.31
C ARG D 133 21.72 -28.75 4.19
N GLN D 134 22.27 -27.65 3.66
CA GLN D 134 22.31 -26.42 4.42
C GLN D 134 20.91 -25.89 4.69
N MET D 135 20.06 -25.82 3.68
CA MET D 135 18.72 -25.26 3.90
C MET D 135 17.91 -26.11 4.89
N HIS D 136 17.97 -27.42 4.71
CA HIS D 136 17.23 -28.32 5.60
C HIS D 136 17.73 -28.33 6.99
N GLY D 137 18.99 -27.93 7.21
CA GLY D 137 19.56 -27.88 8.56
C GLY D 137 19.21 -26.59 9.33
N LEU D 138 18.57 -25.60 8.70
CA LEU D 138 18.38 -24.34 9.36
C LEU D 138 17.35 -24.44 10.47
N ASP D 139 17.66 -23.78 11.56
CA ASP D 139 16.70 -23.58 12.64
C ASP D 139 15.63 -22.68 12.03
N TYR D 140 14.39 -23.17 11.98
CA TYR D 140 13.30 -22.45 11.28
C TYR D 140 12.34 -21.73 12.23
N THR D 141 12.77 -21.56 13.47
CA THR D 141 11.96 -20.91 14.50
C THR D 141 11.40 -19.58 14.03
N ASP D 142 12.21 -18.81 13.32
CA ASP D 142 11.82 -17.44 12.95
C ASP D 142 10.74 -17.38 11.84
N ILE D 143 10.53 -18.50 11.16
CA ILE D 143 9.44 -18.63 10.16
C ILE D 143 8.51 -19.78 10.52
N SER D 144 8.32 -19.99 11.82
CA SER D 144 7.62 -21.19 12.32
C SER D 144 6.14 -21.24 11.92
N GLU D 145 5.60 -20.12 11.49
CA GLU D 145 4.21 -20.06 10.97
C GLU D 145 4.07 -20.68 9.56
N CYS D 146 5.19 -20.83 8.84
CA CYS D 146 5.14 -21.32 7.42
C CYS D 146 5.16 -22.82 7.30
N THR D 147 4.37 -23.50 8.12
CA THR D 147 4.25 -24.96 8.07
C THR D 147 3.28 -25.37 6.94
N ILE D 148 3.54 -26.54 6.38
CA ILE D 148 2.64 -27.12 5.41
C ILE D 148 2.40 -28.55 5.78
N ASP D 149 1.11 -28.93 5.80
CA ASP D 149 0.70 -30.28 6.15
C ASP D 149 0.03 -30.93 4.92
N ASN D 150 0.80 -31.69 4.17
CA ASN D 150 0.32 -32.24 2.89
C ASN D 150 -0.85 -33.21 3.09
N LYS D 151 -0.81 -34.02 4.13
CA LYS D 151 -1.87 -34.96 4.41
C LYS D 151 -3.19 -34.23 4.68
N GLN D 152 -3.14 -33.23 5.56
CA GLN D 152 -4.30 -32.44 5.89
C GLN D 152 -4.80 -31.70 4.63
N ASN D 153 -3.89 -31.17 3.83
CA ASN D 153 -4.31 -30.45 2.62
C ASN D 153 -5.10 -31.36 1.68
N VAL D 154 -4.62 -32.59 1.56
CA VAL D 154 -5.31 -33.57 0.77
C VAL D 154 -6.70 -33.90 1.37
N LEU D 155 -6.78 -34.08 2.67
CA LEU D 155 -8.06 -34.32 3.28
C LEU D 155 -9.04 -33.21 2.95
N GLU D 156 -8.60 -31.96 2.99
CA GLU D 156 -9.46 -30.83 2.70
C GLU D 156 -9.93 -30.79 1.23
N GLU D 157 -9.06 -31.19 0.34
CA GLU D 157 -9.40 -31.33 -1.05
C GLU D 157 -10.33 -32.47 -1.31
N TYR D 158 -10.17 -33.55 -0.56
CA TYR D 158 -11.09 -34.68 -0.67
C TYR D 158 -12.49 -34.26 -0.23
N ILE D 159 -12.57 -33.51 0.84
CA ILE D 159 -13.87 -33.05 1.32
C ILE D 159 -14.54 -32.15 0.31
N LEU D 160 -13.76 -31.30 -0.33
CA LEU D 160 -14.30 -30.48 -1.44
C LEU D 160 -14.84 -31.34 -2.58
N LEU D 161 -14.12 -32.39 -2.95
CA LEU D 161 -14.61 -33.34 -3.96
C LEU D 161 -15.96 -33.92 -3.58
N ARG D 162 -16.03 -34.36 -2.33
CA ARG D 162 -17.27 -34.94 -1.78
C ARG D 162 -18.42 -33.95 -1.83
N GLU D 163 -18.11 -32.68 -1.62
CA GLU D 163 -19.14 -31.63 -1.63
C GLU D 163 -19.53 -31.17 -3.02
N THR D 164 -18.78 -31.58 -4.02
CA THR D 164 -19.02 -31.07 -5.36
C THR D 164 -19.33 -32.20 -6.30
N ILE D 165 -18.31 -32.75 -6.94
CA ILE D 165 -18.58 -33.65 -8.07
C ILE D 165 -18.43 -35.15 -7.81
N TYR D 166 -18.02 -35.52 -6.60
CA TYR D 166 -17.73 -36.93 -6.32
C TYR D 166 -18.88 -37.86 -6.71
N ASN D 167 -20.11 -37.47 -6.38
CA ASN D 167 -21.25 -38.35 -6.63
C ASN D 167 -21.53 -38.64 -8.10
N ASP D 168 -21.06 -37.74 -8.97
CA ASP D 168 -21.18 -37.92 -10.42
C ASP D 168 -20.04 -38.66 -11.09
N LEU D 169 -19.01 -39.00 -10.32
CA LEU D 169 -17.87 -39.70 -10.90
C LEU D 169 -18.26 -41.14 -11.17
N THR D 170 -17.50 -41.81 -12.01
CA THR D 170 -17.73 -43.23 -12.26
C THR D 170 -17.21 -44.09 -11.10
N ASP D 171 -17.62 -45.35 -11.06
CA ASP D 171 -17.08 -46.30 -10.07
C ASP D 171 -15.56 -46.43 -10.20
N ILE D 172 -15.06 -46.44 -11.42
CA ILE D 172 -13.60 -46.52 -11.61
C ILE D 172 -12.88 -45.30 -11.00
N GLU D 173 -13.45 -44.11 -11.17
CA GLU D 173 -12.84 -42.90 -10.67
C GLU D 173 -12.91 -42.88 -9.13
N LYS D 174 -14.09 -43.19 -8.60
CA LYS D 174 -14.27 -43.30 -7.17
C LYS D 174 -13.31 -44.29 -6.56
N ASP D 175 -13.16 -45.46 -7.15
CA ASP D 175 -12.21 -46.45 -6.61
C ASP D 175 -10.77 -45.97 -6.66
N TYR D 176 -10.38 -45.28 -7.70
CA TYR D 176 -9.03 -44.70 -7.74
C TYR D 176 -8.83 -43.76 -6.54
N ILE D 177 -9.81 -42.90 -6.32
CA ILE D 177 -9.75 -41.90 -5.24
C ILE D 177 -9.70 -42.56 -3.86
N GLU D 178 -10.61 -43.48 -3.62
CA GLU D 178 -10.67 -44.17 -2.36
C GLU D 178 -9.41 -44.97 -2.12
N SER D 179 -8.90 -45.61 -3.15
CA SER D 179 -7.67 -46.37 -3.00
C SER D 179 -6.48 -45.46 -2.64
N PHE D 180 -6.43 -44.29 -3.25
CA PHE D 180 -5.46 -43.32 -2.85
C PHE D 180 -5.64 -42.88 -1.39
N MET D 181 -6.87 -42.58 -1.00
CA MET D 181 -7.13 -42.16 0.39
C MET D 181 -6.74 -43.22 1.42
N GLU D 182 -6.94 -44.48 1.09
CA GLU D 182 -6.53 -45.57 1.96
C GLU D 182 -4.96 -45.67 2.09
N ARG D 183 -4.27 -45.49 1.00
CA ARG D 183 -2.83 -45.43 1.02
C ARG D 183 -2.32 -44.23 1.83
N LEU D 184 -2.95 -43.09 1.64
CA LEU D 184 -2.58 -41.89 2.37
C LEU D 184 -2.71 -42.08 3.86
N ASN D 185 -3.74 -42.81 4.25
CA ASN D 185 -3.94 -43.07 5.65
C ASN D 185 -2.95 -44.05 6.25
N ALA D 186 -2.48 -44.98 5.42
CA ALA D 186 -1.65 -46.07 5.92
C ALA D 186 -0.17 -45.73 5.83
N THR D 187 0.21 -44.78 5.01
CA THR D 187 1.64 -44.55 4.82
C THR D 187 2.34 -44.01 6.09
N THR D 188 3.62 -44.31 6.24
CA THR D 188 4.43 -43.73 7.28
C THR D 188 5.32 -42.61 6.78
N VAL D 189 5.18 -42.18 5.54
CA VAL D 189 6.19 -41.21 5.02
C VAL D 189 6.07 -39.78 5.51
N PHE D 190 4.99 -39.47 6.24
CA PHE D 190 4.85 -38.13 6.87
C PHE D 190 5.41 -38.06 8.29
N GLU D 191 6.05 -39.12 8.76
CA GLU D 191 6.46 -39.24 10.18
C GLU D 191 7.93 -39.01 10.40
N GLY D 192 8.62 -38.47 9.41
CA GLY D 192 10.04 -38.23 9.54
C GLY D 192 10.33 -36.76 9.82
N LYS D 193 11.56 -36.38 9.53
CA LYS D 193 12.07 -35.04 9.76
C LYS D 193 11.31 -33.97 8.97
N LYS D 194 10.97 -32.91 9.69
CA LYS D 194 10.35 -31.74 9.11
C LYS D 194 11.42 -30.67 9.05
N CYS D 195 11.46 -29.93 7.97
CA CYS D 195 12.42 -28.84 7.82
C CYS D 195 11.96 -27.88 6.75
N LEU D 196 12.68 -26.81 6.60
CA LEU D 196 12.35 -25.84 5.57
C LEU D 196 12.76 -26.45 4.26
N CYS D 197 11.80 -26.58 3.35
CA CYS D 197 12.03 -27.13 2.02
C CYS D 197 11.64 -26.15 0.96
N HIS D 198 12.35 -26.22 -0.16
CA HIS D 198 11.99 -25.44 -1.33
C HIS D 198 10.59 -25.81 -1.79
N ASN D 199 10.39 -27.09 -1.87
CA ASN D 199 9.10 -27.75 -2.12
C ASN D 199 8.56 -27.58 -3.54
N ASP D 200 9.39 -27.13 -4.46
CA ASP D 200 9.02 -27.21 -5.89
C ASP D 200 10.32 -27.35 -6.69
N PHE D 201 11.13 -28.30 -6.22
CA PHE D 201 12.57 -28.30 -6.52
C PHE D 201 12.88 -29.11 -7.78
N SER D 202 12.51 -28.53 -8.90
CA SER D 202 12.64 -29.17 -10.18
C SER D 202 13.76 -28.51 -10.90
N CYS D 203 14.21 -29.11 -11.99
CA CYS D 203 15.36 -28.49 -12.66
C CYS D 203 15.07 -27.16 -13.40
N ASN D 204 13.83 -26.86 -13.74
CA ASN D 204 13.53 -25.53 -14.26
C ASN D 204 13.65 -24.37 -13.25
N HIS D 205 14.02 -24.66 -12.01
CA HIS D 205 14.23 -23.60 -11.04
C HIS D 205 15.67 -23.50 -10.71
N LEU D 206 16.52 -24.28 -11.37
CA LEU D 206 17.95 -24.29 -11.05
C LEU D 206 18.72 -23.59 -12.16
N LEU D 207 19.53 -22.61 -11.79
CA LEU D 207 20.31 -21.87 -12.77
C LEU D 207 21.77 -22.26 -12.74
N LEU D 208 22.34 -22.38 -13.93
CA LEU D 208 23.75 -22.70 -14.10
C LEU D 208 24.51 -21.49 -14.62
N ASP D 209 25.76 -21.33 -14.17
CA ASP D 209 26.66 -20.31 -14.73
C ASP D 209 27.35 -20.87 -15.99
N GLY D 210 28.30 -20.10 -16.53
CA GLY D 210 29.03 -20.44 -17.78
C GLY D 210 29.93 -21.67 -17.69
N ASN D 211 30.22 -22.12 -16.47
CA ASN D 211 30.98 -23.38 -16.22
C ASN D 211 30.11 -24.55 -15.78
N ASN D 212 28.81 -24.42 -15.98
CA ASN D 212 27.83 -25.43 -15.60
C ASN D 212 27.80 -25.76 -14.12
N ARG D 213 28.16 -24.78 -13.30
CA ARG D 213 27.95 -24.88 -11.86
C ARG D 213 26.61 -24.24 -11.51
N LEU D 214 26.06 -24.71 -10.41
CA LEU D 214 24.86 -24.17 -9.85
C LEU D 214 25.17 -22.77 -9.37
N THR D 215 24.42 -21.81 -9.86
CA THR D 215 24.64 -20.41 -9.51
C THR D 215 23.42 -19.75 -8.89
N GLY D 216 22.22 -20.31 -9.11
CA GLY D 216 21.02 -19.73 -8.54
C GLY D 216 19.87 -20.71 -8.48
N ILE D 217 18.95 -20.42 -7.57
CA ILE D 217 17.70 -21.17 -7.37
C ILE D 217 16.56 -20.17 -7.19
N ILE D 218 15.48 -20.34 -7.95
CA ILE D 218 14.35 -19.43 -7.90
C ILE D 218 13.10 -20.18 -7.43
N ASP D 219 12.05 -19.39 -7.30
CA ASP D 219 10.69 -19.84 -7.00
C ASP D 219 10.58 -20.68 -5.74
N PHE D 220 10.68 -19.98 -4.61
CA PHE D 220 10.41 -20.56 -3.33
C PHE D 220 8.95 -20.30 -2.97
N GLY D 221 8.09 -20.16 -3.99
CA GLY D 221 6.69 -19.82 -3.79
C GLY D 221 5.80 -20.90 -3.20
N ASP D 222 6.28 -22.14 -3.11
CA ASP D 222 5.57 -23.18 -2.39
C ASP D 222 6.38 -23.65 -1.17
N SER D 223 7.43 -22.94 -0.86
CA SER D 223 8.32 -23.30 0.23
CA SER D 223 8.34 -23.30 0.23
C SER D 223 7.65 -23.25 1.57
N GLY D 224 8.13 -24.10 2.46
CA GLY D 224 7.63 -24.09 3.81
C GLY D 224 8.23 -25.20 4.61
N ILE D 225 7.77 -25.29 5.85
CA ILE D 225 8.27 -26.29 6.76
C ILE D 225 7.41 -27.50 6.54
N ILE D 226 8.07 -28.58 6.16
CA ILE D 226 7.36 -29.72 5.61
C ILE D 226 8.31 -30.92 5.64
N ASP D 227 7.87 -32.08 5.17
CA ASP D 227 8.76 -33.25 5.15
C ASP D 227 10.04 -33.07 4.31
N GLU D 228 11.17 -33.41 4.91
CA GLU D 228 12.47 -33.42 4.26
C GLU D 228 12.43 -34.13 2.86
N TYR D 229 11.64 -35.19 2.75
CA TYR D 229 11.51 -35.93 1.48
C TYR D 229 10.98 -35.07 0.29
N CYS D 230 10.28 -33.98 0.59
CA CYS D 230 9.62 -33.10 -0.44
C CYS D 230 10.57 -32.56 -1.48
N ASP D 231 11.80 -32.26 -1.08
CA ASP D 231 12.75 -31.68 -2.00
C ASP D 231 13.40 -32.66 -2.96
N PHE D 232 13.02 -33.93 -2.86
CA PHE D 232 13.55 -34.95 -3.77
C PHE D 232 12.54 -35.49 -4.77
N ILE D 233 11.33 -35.02 -4.67
CA ILE D 233 10.22 -35.51 -5.49
C ILE D 233 10.45 -35.38 -7.00
N TYR D 234 10.97 -34.24 -7.42
CA TYR D 234 11.25 -34.02 -8.85
C TYR D 234 12.64 -34.58 -9.23
N LEU D 235 13.60 -34.48 -8.31
CA LEU D 235 14.90 -35.11 -8.57
C LEU D 235 14.73 -36.60 -8.83
N LEU D 236 13.72 -37.24 -8.20
CA LEU D 236 13.39 -38.63 -8.40
C LEU D 236 12.48 -38.94 -9.57
N GLU D 237 12.04 -37.93 -10.29
CA GLU D 237 11.02 -38.14 -11.32
C GLU D 237 11.61 -38.57 -12.64
N ASP D 238 10.98 -39.58 -13.21
CA ASP D 238 11.32 -40.05 -14.54
C ASP D 238 10.29 -39.42 -15.51
N SER D 239 10.67 -38.33 -16.16
CA SER D 239 9.79 -37.65 -17.14
C SER D 239 10.67 -36.88 -18.12
N GLU D 240 10.05 -36.35 -19.15
CA GLU D 240 10.78 -35.58 -20.17
C GLU D 240 11.29 -34.24 -19.63
N GLU D 241 10.65 -33.73 -18.59
CA GLU D 241 11.07 -32.45 -18.01
C GLU D 241 12.23 -32.57 -17.00
N GLU D 242 12.41 -33.73 -16.40
CA GLU D 242 13.39 -33.87 -15.33
C GLU D 242 14.54 -34.75 -15.81
N ILE D 243 15.63 -34.72 -15.08
CA ILE D 243 16.81 -35.46 -15.49
C ILE D 243 16.60 -36.97 -15.40
N GLY D 244 16.04 -37.45 -14.32
CA GLY D 244 15.82 -38.90 -14.17
C GLY D 244 15.98 -39.38 -12.74
N THR D 245 15.43 -40.55 -12.48
CA THR D 245 15.48 -41.17 -11.17
C THR D 245 16.91 -41.38 -10.65
N ASN D 246 17.84 -41.71 -11.53
CA ASN D 246 19.25 -41.92 -11.12
C ASN D 246 19.94 -40.65 -10.64
N PHE D 247 19.57 -39.54 -11.22
CA PHE D 247 20.04 -38.25 -10.78
C PHE D 247 19.64 -37.98 -9.32
N GLY D 248 18.37 -38.19 -9.04
CA GLY D 248 17.86 -38.02 -7.66
C GLY D 248 18.42 -39.05 -6.66
N GLU D 249 18.57 -40.28 -7.11
CA GLU D 249 19.27 -41.28 -6.31
C GLU D 249 20.70 -40.88 -5.96
N ASP D 250 21.44 -40.43 -6.96
CA ASP D 250 22.84 -40.03 -6.74
C ASP D 250 22.93 -38.84 -5.79
N ILE D 251 22.03 -37.90 -5.96
CA ILE D 251 21.98 -36.75 -5.08
C ILE D 251 21.66 -37.18 -3.65
N LEU D 252 20.69 -38.08 -3.52
CA LEU D 252 20.32 -38.57 -2.21
C LEU D 252 21.52 -39.27 -1.53
N ARG D 253 22.31 -39.99 -2.31
CA ARG D 253 23.48 -40.66 -1.76
C ARG D 253 24.52 -39.65 -1.28
N MET D 254 24.72 -38.60 -2.04
CA MET D 254 25.61 -37.54 -1.61
C MET D 254 25.10 -36.82 -0.44
N TYR D 255 23.78 -36.58 -0.41
CA TYR D 255 23.17 -35.81 0.67
C TYR D 255 23.35 -36.54 1.99
N GLY D 256 23.07 -37.84 1.95
CA GLY D 256 23.31 -38.76 3.07
C GLY D 256 22.25 -38.68 4.13
N ASN D 257 22.26 -39.67 5.01
CA ASN D 257 21.39 -39.72 6.19
C ASN D 257 19.92 -39.46 5.84
N ILE D 258 19.44 -40.20 4.86
CA ILE D 258 18.04 -40.17 4.52
C ILE D 258 17.65 -41.51 3.92
N ASP D 259 16.45 -41.96 4.24
CA ASP D 259 15.94 -43.21 3.74
C ASP D 259 15.48 -43.05 2.28
N ILE D 260 16.28 -43.56 1.32
CA ILE D 260 16.00 -43.43 -0.11
C ILE D 260 14.67 -44.09 -0.48
N GLU D 261 14.36 -45.24 0.12
CA GLU D 261 13.12 -45.95 -0.21
C GLU D 261 11.88 -45.15 0.21
N LYS D 262 11.97 -44.46 1.34
CA LYS D 262 10.89 -43.58 1.79
C LYS D 262 10.78 -42.35 0.92
N ALA D 263 11.91 -41.80 0.53
CA ALA D 263 11.88 -40.70 -0.41
C ALA D 263 11.12 -41.10 -1.68
N LYS D 264 11.37 -42.32 -2.16
CA LYS D 264 10.73 -42.82 -3.37
C LYS D 264 9.27 -43.10 -3.12
N GLU D 265 8.95 -43.63 -1.95
CA GLU D 265 7.55 -43.80 -1.59
C GLU D 265 6.81 -42.45 -1.61
N TYR D 266 7.45 -41.42 -1.08
CA TYR D 266 6.78 -40.09 -0.98
C TYR D 266 6.53 -39.59 -2.40
N GLN D 267 7.53 -39.71 -3.26
CA GLN D 267 7.36 -39.27 -4.66
C GLN D 267 6.23 -40.07 -5.33
N ASP D 268 6.17 -41.38 -5.07
CA ASP D 268 5.17 -42.26 -5.70
C ASP D 268 3.72 -41.89 -5.25
N ILE D 269 3.59 -41.53 -3.99
CA ILE D 269 2.32 -41.04 -3.47
C ILE D 269 1.91 -39.73 -4.12
N VAL D 270 2.86 -38.81 -4.26
CA VAL D 270 2.56 -37.54 -4.91
C VAL D 270 2.13 -37.81 -6.34
N GLU D 271 2.82 -38.73 -7.00
CA GLU D 271 2.51 -39.03 -8.37
C GLU D 271 1.10 -39.65 -8.49
N GLU D 272 0.75 -40.55 -7.59
CA GLU D 272 -0.59 -41.15 -7.60
C GLU D 272 -1.67 -40.08 -7.36
N TYR D 273 -1.38 -39.07 -6.56
CA TYR D 273 -2.31 -37.97 -6.30
C TYR D 273 -2.56 -37.05 -7.52
N TYR D 274 -1.62 -37.01 -8.44
CA TYR D 274 -1.65 -36.03 -9.55
C TYR D 274 -2.96 -35.84 -10.29
N PRO D 275 -3.55 -36.91 -10.78
CA PRO D 275 -4.88 -36.76 -11.39
C PRO D 275 -5.92 -36.07 -10.50
N ILE D 276 -5.86 -36.36 -9.20
CA ILE D 276 -6.87 -35.89 -8.27
C ILE D 276 -6.60 -34.40 -8.05
N GLU D 277 -5.33 -34.08 -7.93
CA GLU D 277 -4.90 -32.70 -7.79
C GLU D 277 -5.41 -31.89 -8.95
N THR D 278 -5.36 -32.50 -10.12
CA THR D 278 -5.73 -31.86 -11.37
C THR D 278 -7.25 -31.59 -11.35
N ILE D 279 -8.02 -32.58 -10.91
CA ILE D 279 -9.46 -32.43 -10.84
C ILE D 279 -9.82 -31.30 -9.88
N VAL D 280 -9.16 -31.33 -8.73
CA VAL D 280 -9.41 -30.35 -7.67
C VAL D 280 -9.12 -28.96 -8.14
N TYR D 281 -8.02 -28.79 -8.85
CA TYR D 281 -7.69 -27.52 -9.40
C TYR D 281 -8.82 -27.04 -10.33
N GLY D 282 -9.35 -27.95 -11.15
CA GLY D 282 -10.45 -27.60 -12.07
C GLY D 282 -11.73 -27.17 -11.36
N ILE D 283 -12.02 -27.82 -10.26
CA ILE D 283 -13.17 -27.50 -9.45
C ILE D 283 -13.01 -26.13 -8.84
N LYS D 284 -11.89 -25.93 -8.16
CA LYS D 284 -11.70 -24.67 -7.42
C LYS D 284 -11.71 -23.47 -8.35
N ASN D 285 -11.22 -23.66 -9.55
CA ASN D 285 -11.01 -22.55 -10.48
C ASN D 285 -12.02 -22.50 -11.58
N ILE D 286 -13.00 -23.38 -11.47
CA ILE D 286 -14.09 -23.48 -12.43
C ILE D 286 -13.49 -23.60 -13.83
N LYS D 287 -12.65 -24.62 -14.00
CA LYS D 287 -12.01 -24.90 -15.28
C LYS D 287 -12.22 -26.34 -15.65
N GLN D 288 -13.26 -26.55 -16.45
CA GLN D 288 -13.74 -27.88 -16.78
C GLN D 288 -12.69 -28.74 -17.45
N GLU D 289 -11.82 -28.12 -18.24
CA GLU D 289 -10.83 -28.89 -18.99
C GLU D 289 -9.88 -29.64 -18.03
N PHE D 290 -9.62 -29.05 -16.86
CA PHE D 290 -8.78 -29.74 -15.86
C PHE D 290 -9.50 -30.90 -15.18
N ILE D 291 -10.80 -30.76 -14.98
CA ILE D 291 -11.60 -31.85 -14.41
C ILE D 291 -11.53 -33.04 -15.38
N GLU D 292 -11.74 -32.73 -16.64
CA GLU D 292 -11.72 -33.73 -17.72
C GLU D 292 -10.36 -34.40 -17.86
N ASN D 293 -9.30 -33.59 -17.85
CA ASN D 293 -7.95 -34.15 -18.00
C ASN D 293 -7.59 -35.08 -16.86
N GLY D 294 -7.93 -34.71 -15.64
CA GLY D 294 -7.60 -35.58 -14.50
C GLY D 294 -8.40 -36.88 -14.55
N ARG D 295 -9.66 -36.79 -14.93
CA ARG D 295 -10.51 -37.99 -15.00
C ARG D 295 -10.01 -38.98 -16.05
N LYS D 296 -9.65 -38.45 -17.20
CA LYS D 296 -9.08 -39.26 -18.28
C LYS D 296 -7.78 -39.93 -17.83
N GLU D 297 -6.96 -39.18 -17.11
CA GLU D 297 -5.70 -39.72 -16.60
C GLU D 297 -5.91 -40.91 -15.60
N ILE D 298 -6.99 -40.83 -14.83
CA ILE D 298 -7.36 -41.94 -13.95
C ILE D 298 -7.55 -43.23 -14.75
N TYR D 299 -8.31 -43.13 -15.86
CA TYR D 299 -8.52 -44.31 -16.76
C TYR D 299 -7.23 -44.82 -17.34
N LYS D 300 -6.39 -43.91 -17.80
CA LYS D 300 -5.12 -44.37 -18.35
C LYS D 300 -4.30 -45.14 -17.30
N ARG D 301 -4.24 -44.61 -16.07
CA ARG D 301 -3.44 -45.26 -15.00
C ARG D 301 -4.07 -46.58 -14.56
N THR D 302 -5.38 -46.64 -14.53
CA THR D 302 -6.07 -47.87 -14.13
C THR D 302 -5.79 -49.05 -15.07
N TYR D 303 -5.67 -48.74 -16.36
CA TYR D 303 -5.42 -49.78 -17.40
C TYR D 303 -3.96 -49.96 -17.83
N LYS D 304 -3.06 -49.12 -17.28
CA LYS D 304 -1.61 -49.09 -17.59
C LYS D 304 -0.88 -49.78 -16.45
N ASP D 305 0.38 -50.19 -16.69
CA ASP D 305 1.24 -50.69 -15.58
C ASP D 305 1.93 -49.54 -14.82
#